data_1CA4
#
_entry.id   1CA4
#
_cell.length_a   134.920
_cell.length_b   84.960
_cell.length_c   124.070
_cell.angle_alpha   90.00
_cell.angle_beta   118.60
_cell.angle_gamma   90.00
#
_symmetry.space_group_name_H-M   'C 1 2 1'
#
loop_
_entity.id
_entity.type
_entity.pdbx_description
1 polymer 'PROTEIN (TNF RECEPTOR ASSOCIATED FACTOR 2)'
2 water water
#
_entity_poly.entity_id   1
_entity_poly.type   'polypeptide(L)'
_entity_poly.pdbx_seq_one_letter_code
;AMADLEQKVLEMEASTYDGVFIWKISDFARKRQEAVAGRIPAIFSPAFYTSRYGYKMCLRIYLNGDGTGRGTHLSLFFVV
MKGPNDALLRWPFNQKVTLMLLDQNNREHVIDAFRPDVTSSSFQRPVNDMNIASGCPLFCPVSKMEAKNSYVRDDAIFIK
AIVDLTGL
;
_entity_poly.pdbx_strand_id   A,B,C,D,E,F
#
# COMPACT_ATOMS: atom_id res chain seq x y z
N ALA A 1 27.62 -34.12 24.86
CA ALA A 1 26.18 -34.10 25.26
C ALA A 1 25.91 -32.95 26.21
N MET A 2 26.48 -33.02 27.41
CA MET A 2 26.29 -31.96 28.39
C MET A 2 26.69 -30.63 27.79
N ALA A 3 27.89 -30.58 27.21
CA ALA A 3 28.40 -29.36 26.59
C ALA A 3 27.54 -28.96 25.41
N ASP A 4 27.12 -29.94 24.61
CA ASP A 4 26.28 -29.68 23.44
C ASP A 4 24.90 -29.17 23.85
N LEU A 5 24.45 -29.58 25.04
CA LEU A 5 23.14 -29.16 25.54
C LEU A 5 23.25 -27.73 26.04
N GLU A 6 24.36 -27.41 26.68
CA GLU A 6 24.59 -26.07 27.19
C GLU A 6 24.58 -25.11 26.00
N GLN A 7 25.17 -25.55 24.90
CA GLN A 7 25.24 -24.75 23.69
C GLN A 7 23.83 -24.40 23.22
N LYS A 8 22.99 -25.43 23.05
CA LYS A 8 21.63 -25.21 22.61
C LYS A 8 20.94 -24.21 23.52
N VAL A 9 21.19 -24.33 24.82
CA VAL A 9 20.59 -23.43 25.80
C VAL A 9 21.02 -21.98 25.59
N LEU A 10 22.31 -21.76 25.42
CA LEU A 10 22.83 -20.42 25.20
C LEU A 10 22.30 -19.81 23.90
N GLU A 11 22.23 -20.62 22.85
CA GLU A 11 21.72 -20.16 21.58
C GLU A 11 20.25 -19.76 21.74
N MET A 12 19.49 -20.60 22.43
CA MET A 12 18.08 -20.32 22.66
C MET A 12 17.92 -19.04 23.45
N GLU A 13 18.80 -18.87 24.45
CA GLU A 13 18.79 -17.70 25.31
C GLU A 13 19.11 -16.37 24.61
N ALA A 14 19.90 -16.42 23.54
CA ALA A 14 20.26 -15.20 22.83
C ALA A 14 19.37 -14.90 21.63
N SER A 15 18.72 -15.92 21.09
CA SER A 15 17.88 -15.74 19.91
C SER A 15 16.72 -14.75 20.04
N THR A 16 16.42 -14.08 18.93
CA THR A 16 15.30 -13.14 18.88
C THR A 16 14.59 -13.51 17.58
N TYR A 17 13.31 -13.15 17.48
CA TYR A 17 12.54 -13.49 16.30
C TYR A 17 11.84 -12.32 15.61
N ASP A 18 12.42 -11.13 15.69
CA ASP A 18 11.82 -9.98 15.03
C ASP A 18 12.80 -9.21 14.16
N GLY A 19 13.91 -9.85 13.79
CA GLY A 19 14.89 -9.19 12.93
C GLY A 19 15.78 -8.17 13.61
N VAL A 20 15.63 -8.00 14.91
CA VAL A 20 16.44 -7.06 15.66
C VAL A 20 17.28 -7.84 16.64
N PHE A 21 18.59 -7.65 16.56
CA PHE A 21 19.52 -8.36 17.41
C PHE A 21 20.54 -7.41 18.05
N ILE A 22 20.80 -7.59 19.33
CA ILE A 22 21.78 -6.77 20.01
C ILE A 22 22.80 -7.74 20.58
N TRP A 23 24.05 -7.54 20.18
CA TRP A 23 25.14 -8.40 20.58
C TRP A 23 26.12 -7.67 21.49
N LYS A 24 26.11 -8.04 22.77
CA LYS A 24 27.00 -7.45 23.74
C LYS A 24 28.30 -8.25 23.73
N ILE A 25 29.42 -7.56 23.53
CA ILE A 25 30.69 -8.26 23.53
C ILE A 25 31.50 -7.81 24.75
N SER A 26 31.49 -8.65 25.78
CA SER A 26 32.22 -8.38 27.02
C SER A 26 33.66 -8.85 26.86
N ASP A 27 34.51 -8.53 27.84
CA ASP A 27 35.93 -8.89 27.79
C ASP A 27 36.50 -8.37 26.48
N PHE A 28 36.10 -7.15 26.11
CA PHE A 28 36.54 -6.52 24.88
C PHE A 28 38.05 -6.40 24.73
N ALA A 29 38.72 -5.92 25.78
CA ALA A 29 40.17 -5.75 25.73
C ALA A 29 40.89 -7.05 25.36
N ARG A 30 40.60 -8.10 26.12
CA ARG A 30 41.21 -9.41 25.88
C ARG A 30 40.95 -9.92 24.45
N LYS A 31 39.68 -9.97 24.06
CA LYS A 31 39.32 -10.43 22.73
C LYS A 31 39.97 -9.57 21.65
N ARG A 32 40.08 -8.28 21.92
CA ARG A 32 40.68 -7.34 20.99
C ARG A 32 42.16 -7.70 20.77
N GLN A 33 42.84 -8.04 21.85
CA GLN A 33 44.24 -8.42 21.77
C GLN A 33 44.41 -9.81 21.12
N GLU A 34 43.47 -10.71 21.39
CA GLU A 34 43.54 -12.06 20.81
C GLU A 34 43.37 -11.96 19.29
N ALA A 35 42.74 -10.88 18.83
CA ALA A 35 42.54 -10.67 17.41
C ALA A 35 43.81 -10.05 16.84
N VAL A 36 44.37 -9.08 17.57
CA VAL A 36 45.59 -8.42 17.14
C VAL A 36 46.71 -9.44 17.00
N ALA A 37 46.73 -10.41 17.90
CA ALA A 37 47.74 -11.46 17.89
C ALA A 37 47.44 -12.53 16.83
N GLY A 38 46.27 -12.43 16.21
CA GLY A 38 45.89 -13.41 15.19
C GLY A 38 45.50 -14.75 15.79
N ARG A 39 45.41 -14.81 17.11
CA ARG A 39 45.05 -16.03 17.81
C ARG A 39 43.56 -16.34 17.60
N ILE A 40 42.74 -15.30 17.67
CA ILE A 40 41.30 -15.45 17.44
C ILE A 40 40.88 -14.22 16.64
N PRO A 41 41.08 -14.26 15.32
CA PRO A 41 40.74 -13.18 14.40
C PRO A 41 39.26 -12.81 14.31
N ALA A 42 38.39 -13.81 14.33
CA ALA A 42 36.95 -13.57 14.19
C ALA A 42 36.11 -14.23 15.26
N ILE A 43 34.90 -13.71 15.46
CA ILE A 43 33.97 -14.25 16.43
C ILE A 43 32.57 -14.24 15.83
N PHE A 44 31.84 -15.35 15.95
CA PHE A 44 30.47 -15.43 15.45
C PHE A 44 29.51 -15.09 16.59
N SER A 45 28.40 -14.45 16.25
CA SER A 45 27.40 -14.12 17.25
C SER A 45 26.42 -15.27 17.22
N PRO A 46 25.53 -15.34 18.22
CA PRO A 46 24.53 -16.41 18.25
C PRO A 46 23.56 -16.10 17.10
N ALA A 47 22.70 -17.06 16.76
CA ALA A 47 21.74 -16.86 15.68
C ALA A 47 20.48 -16.08 16.09
N PHE A 48 19.81 -15.49 15.11
CA PHE A 48 18.58 -14.76 15.35
C PHE A 48 17.76 -14.86 14.07
N TYR A 49 16.45 -14.56 14.15
CA TYR A 49 15.58 -14.73 13.00
C TYR A 49 14.69 -13.53 12.67
N THR A 50 14.21 -13.49 11.43
CA THR A 50 13.33 -12.42 10.98
C THR A 50 11.91 -12.59 11.51
N SER A 51 11.53 -13.83 11.84
CA SER A 51 10.21 -14.14 12.39
C SER A 51 10.30 -15.48 13.10
N ARG A 52 9.24 -15.88 13.81
CA ARG A 52 9.27 -17.14 14.56
C ARG A 52 9.78 -18.31 13.72
N TYR A 53 9.39 -18.37 12.44
CA TYR A 53 9.85 -19.43 11.55
C TYR A 53 10.47 -18.78 10.30
N GLY A 54 11.27 -17.73 10.50
CA GLY A 54 11.87 -17.04 9.37
C GLY A 54 13.30 -17.39 9.03
N TYR A 55 14.00 -16.47 8.38
CA TYR A 55 15.39 -16.71 8.01
C TYR A 55 16.26 -16.79 9.25
N LYS A 56 17.25 -17.67 9.20
CA LYS A 56 18.17 -17.81 10.32
C LYS A 56 19.44 -17.03 9.93
N MET A 57 19.94 -16.21 10.85
CA MET A 57 21.09 -15.35 10.58
C MET A 57 22.02 -15.21 11.78
N CYS A 58 23.22 -14.71 11.55
CA CYS A 58 24.16 -14.45 12.63
C CYS A 58 25.19 -13.43 12.11
N LEU A 59 26.03 -12.92 12.99
CA LEU A 59 27.05 -11.95 12.60
C LEU A 59 28.44 -12.51 12.82
N ARG A 60 29.42 -11.92 12.14
CA ARG A 60 30.80 -12.33 12.30
C ARG A 60 31.60 -11.04 12.37
N ILE A 61 32.41 -10.92 13.41
CA ILE A 61 33.18 -9.70 13.62
C ILE A 61 34.68 -9.95 13.76
N TYR A 62 35.48 -9.02 13.24
CA TYR A 62 36.94 -9.11 13.36
C TYR A 62 37.35 -7.86 14.13
N LEU A 63 37.74 -8.03 15.39
CA LEU A 63 38.10 -6.90 16.22
C LEU A 63 39.34 -6.14 15.74
N ASN A 64 40.12 -6.74 14.84
CA ASN A 64 41.29 -6.06 14.30
C ASN A 64 41.25 -6.05 12.78
N GLY A 65 40.05 -6.22 12.22
CA GLY A 65 39.89 -6.15 10.78
C GLY A 65 40.07 -7.36 9.90
N ASP A 66 39.52 -7.23 8.69
CA ASP A 66 39.57 -8.27 7.67
C ASP A 66 39.53 -7.55 6.32
N GLY A 67 40.16 -8.13 5.31
CA GLY A 67 40.16 -7.50 4.00
C GLY A 67 40.75 -6.10 4.04
N THR A 68 40.11 -5.16 3.36
CA THR A 68 40.61 -3.78 3.33
C THR A 68 40.67 -3.10 4.70
N GLY A 69 40.10 -3.75 5.72
CA GLY A 69 40.11 -3.16 7.05
C GLY A 69 41.08 -3.83 8.01
N ARG A 70 41.72 -4.90 7.56
CA ARG A 70 42.66 -5.64 8.40
C ARG A 70 43.69 -4.72 9.08
N GLY A 71 43.87 -4.93 10.38
CA GLY A 71 44.82 -4.15 11.15
C GLY A 71 44.47 -2.69 11.39
N THR A 72 43.40 -2.18 10.79
CA THR A 72 43.05 -0.79 10.98
C THR A 72 41.60 -0.55 11.41
N HIS A 73 40.70 -1.46 11.06
CA HIS A 73 39.29 -1.30 11.43
C HIS A 73 38.65 -2.53 12.04
N LEU A 74 37.47 -2.30 12.58
CA LEU A 74 36.67 -3.37 13.12
C LEU A 74 35.84 -3.72 11.89
N SER A 75 35.86 -4.99 11.49
CA SER A 75 35.10 -5.42 10.32
C SER A 75 33.91 -6.23 10.81
N LEU A 76 32.72 -5.90 10.32
CA LEU A 76 31.52 -6.58 10.75
C LEU A 76 30.77 -7.17 9.54
N PHE A 77 30.40 -8.43 9.62
CA PHE A 77 29.67 -9.06 8.51
C PHE A 77 28.36 -9.74 8.93
N PHE A 78 27.46 -9.85 7.96
CA PHE A 78 26.17 -10.47 8.13
C PHE A 78 26.25 -11.85 7.49
N VAL A 79 25.64 -12.85 8.13
CA VAL A 79 25.67 -14.19 7.58
C VAL A 79 24.29 -14.82 7.52
N VAL A 80 23.92 -15.32 6.35
CA VAL A 80 22.64 -16.01 6.20
C VAL A 80 22.97 -17.47 6.46
N MET A 81 22.28 -18.08 7.43
CA MET A 81 22.52 -19.48 7.77
C MET A 81 21.41 -20.39 7.29
N LYS A 82 21.68 -21.69 7.25
CA LYS A 82 20.63 -22.62 6.83
C LYS A 82 19.61 -22.68 7.98
N GLY A 83 18.38 -22.27 7.68
CA GLY A 83 17.34 -22.28 8.68
C GLY A 83 16.48 -23.53 8.57
N PRO A 84 15.83 -23.93 9.67
CA PRO A 84 14.98 -25.11 9.73
C PRO A 84 13.77 -25.00 8.81
N ASN A 85 13.42 -23.78 8.44
CA ASN A 85 12.25 -23.55 7.59
C ASN A 85 12.58 -22.90 6.25
N ASP A 86 13.83 -23.01 5.79
CA ASP A 86 14.20 -22.40 4.53
C ASP A 86 13.30 -22.79 3.34
N ALA A 87 12.78 -24.01 3.35
CA ALA A 87 11.92 -24.47 2.26
C ALA A 87 10.65 -23.62 2.15
N LEU A 88 10.29 -22.94 3.23
CA LEU A 88 9.09 -22.11 3.25
C LEU A 88 9.38 -20.64 2.93
N LEU A 89 10.66 -20.29 2.82
CA LEU A 89 11.04 -18.89 2.57
C LEU A 89 11.38 -18.56 1.11
N ARG A 90 11.26 -17.29 0.76
CA ARG A 90 11.59 -16.85 -0.58
C ARG A 90 13.09 -16.69 -0.69
N TRP A 91 13.64 -17.11 -1.83
CA TRP A 91 15.06 -17.00 -2.07
C TRP A 91 15.27 -16.39 -3.45
N PRO A 92 16.35 -15.62 -3.63
CA PRO A 92 17.38 -15.28 -2.64
C PRO A 92 16.89 -14.34 -1.53
N PHE A 93 17.65 -14.28 -0.46
CA PHE A 93 17.37 -13.42 0.69
C PHE A 93 17.47 -12.00 0.11
N ASN A 94 16.46 -11.17 0.36
CA ASN A 94 16.47 -9.81 -0.18
C ASN A 94 15.99 -8.76 0.82
N GLN A 95 16.37 -8.89 2.08
CA GLN A 95 15.93 -7.93 3.08
C GLN A 95 17.06 -6.95 3.39
N LYS A 96 16.71 -5.67 3.50
CA LYS A 96 17.69 -4.64 3.83
C LYS A 96 18.26 -4.97 5.22
N VAL A 97 19.57 -4.77 5.38
CA VAL A 97 20.23 -5.04 6.65
C VAL A 97 20.97 -3.80 7.17
N THR A 98 20.69 -3.43 8.42
CA THR A 98 21.33 -2.29 9.05
C THR A 98 22.19 -2.83 10.21
N LEU A 99 23.44 -2.38 10.25
CA LEU A 99 24.37 -2.82 11.29
C LEU A 99 24.88 -1.58 12.01
N MET A 100 25.03 -1.68 13.33
CA MET A 100 25.46 -0.54 14.12
C MET A 100 26.39 -0.89 15.26
N LEU A 101 27.26 0.05 15.61
CA LEU A 101 28.14 -0.08 16.75
C LEU A 101 27.51 0.99 17.65
N LEU A 102 26.97 0.58 18.78
CA LEU A 102 26.30 1.55 19.65
C LEU A 102 27.17 2.42 20.54
N ASP A 103 26.87 3.71 20.52
CA ASP A 103 27.55 4.73 21.32
C ASP A 103 26.88 4.63 22.68
N GLN A 104 27.63 4.26 23.70
CA GLN A 104 27.04 4.14 25.04
C GLN A 104 26.85 5.48 25.72
N ASN A 105 26.82 6.52 24.90
CA ASN A 105 26.59 7.90 25.31
C ASN A 105 25.52 8.39 24.34
N ASN A 106 25.00 7.43 23.57
CA ASN A 106 23.97 7.64 22.56
C ASN A 106 24.08 8.97 21.84
N ARG A 107 25.31 9.43 21.64
CA ARG A 107 25.54 10.69 20.95
C ARG A 107 25.78 10.48 19.46
N GLU A 108 26.53 9.44 19.11
CA GLU A 108 26.83 9.17 17.71
C GLU A 108 27.15 7.70 17.45
N HIS A 109 26.15 6.94 17.00
CA HIS A 109 26.33 5.53 16.71
C HIS A 109 26.97 5.36 15.34
N VAL A 110 27.73 4.28 15.17
CA VAL A 110 28.33 3.99 13.88
C VAL A 110 27.24 3.19 13.18
N ILE A 111 26.92 3.57 11.95
CA ILE A 111 25.88 2.87 11.21
C ILE A 111 26.15 2.70 9.72
N ASP A 112 25.76 1.55 9.21
CA ASP A 112 25.91 1.25 7.79
C ASP A 112 24.73 0.35 7.47
N ALA A 113 24.32 0.33 6.21
CA ALA A 113 23.18 -0.48 5.82
C ALA A 113 23.33 -0.84 4.35
N PHE A 114 22.88 -2.03 3.99
CA PHE A 114 23.00 -2.45 2.60
C PHE A 114 21.83 -3.30 2.18
N ARG A 115 21.57 -3.28 0.88
CA ARG A 115 20.51 -4.08 0.31
C ARG A 115 21.23 -5.21 -0.40
N PRO A 116 20.93 -6.46 0.00
CA PRO A 116 21.55 -7.65 -0.59
C PRO A 116 21.65 -7.69 -2.11
N ASP A 117 22.82 -8.10 -2.60
CA ASP A 117 23.04 -8.24 -4.04
C ASP A 117 22.45 -9.61 -4.35
N VAL A 118 21.23 -9.62 -4.88
CA VAL A 118 20.53 -10.84 -5.21
C VAL A 118 21.31 -11.85 -6.04
N THR A 119 22.35 -11.40 -6.73
CA THR A 119 23.13 -12.31 -7.57
C THR A 119 24.28 -12.97 -6.82
N SER A 120 24.56 -12.48 -5.63
CA SER A 120 25.64 -13.03 -4.82
C SER A 120 25.25 -14.36 -4.16
N SER A 121 26.24 -15.23 -4.00
CA SER A 121 26.00 -16.53 -3.39
C SER A 121 25.72 -16.37 -1.91
N SER A 122 26.07 -15.21 -1.37
CA SER A 122 25.85 -14.93 0.04
C SER A 122 24.36 -14.91 0.39
N PHE A 123 23.50 -14.74 -0.60
CA PHE A 123 22.08 -14.67 -0.31
C PHE A 123 21.21 -15.74 -0.95
N GLN A 124 21.83 -16.80 -1.46
CA GLN A 124 21.08 -17.88 -2.08
C GLN A 124 20.62 -18.83 -0.98
N ARG A 125 19.70 -19.75 -1.31
CA ARG A 125 19.26 -20.68 -0.28
C ARG A 125 20.47 -21.48 0.18
N PRO A 126 20.73 -21.46 1.49
CA PRO A 126 21.86 -22.17 2.08
C PRO A 126 21.96 -23.66 1.75
N VAL A 127 23.17 -24.08 1.40
CA VAL A 127 23.46 -25.48 1.10
C VAL A 127 24.28 -26.00 2.27
N ASN A 128 25.13 -25.14 2.81
CA ASN A 128 25.97 -25.46 3.96
C ASN A 128 25.34 -24.81 5.19
N ASP A 129 25.96 -24.96 6.35
CA ASP A 129 25.42 -24.39 7.57
C ASP A 129 25.33 -22.87 7.45
N MET A 130 26.32 -22.27 6.79
CA MET A 130 26.38 -20.82 6.61
C MET A 130 26.75 -20.44 5.18
N ASN A 131 26.21 -19.33 4.70
CA ASN A 131 26.57 -18.85 3.38
C ASN A 131 27.81 -17.98 3.60
N ILE A 132 28.42 -17.54 2.52
CA ILE A 132 29.60 -16.68 2.62
C ILE A 132 29.14 -15.36 3.22
N ALA A 133 29.86 -14.87 4.21
CA ALA A 133 29.48 -13.61 4.85
C ALA A 133 29.71 -12.41 3.94
N SER A 134 29.02 -11.32 4.23
CA SER A 134 29.20 -10.08 3.47
C SER A 134 28.78 -8.96 4.43
N GLY A 135 29.36 -7.78 4.27
CA GLY A 135 29.00 -6.71 5.16
C GLY A 135 29.86 -5.47 5.08
N CYS A 136 30.56 -5.18 6.18
CA CYS A 136 31.37 -3.97 6.27
C CYS A 136 32.82 -4.17 6.66
N PRO A 137 33.72 -4.29 5.66
CA PRO A 137 35.15 -4.47 5.91
C PRO A 137 35.72 -3.30 6.71
N LEU A 138 35.22 -2.10 6.42
CA LEU A 138 35.67 -0.89 7.08
C LEU A 138 34.58 -0.31 7.99
N PHE A 139 33.95 -1.18 8.78
CA PHE A 139 32.85 -0.75 9.64
C PHE A 139 33.23 0.40 10.58
N CYS A 140 34.33 0.24 11.32
CA CYS A 140 34.76 1.29 12.23
C CYS A 140 36.26 1.28 12.49
N PRO A 141 36.91 2.45 12.36
CA PRO A 141 38.36 2.56 12.60
C PRO A 141 38.69 2.13 14.02
N VAL A 142 39.72 1.30 14.17
CA VAL A 142 40.13 0.84 15.48
C VAL A 142 40.30 2.00 16.46
N SER A 143 40.70 3.16 15.96
CA SER A 143 40.90 4.32 16.80
C SER A 143 39.60 4.96 17.28
N LYS A 144 38.63 5.10 16.38
CA LYS A 144 37.36 5.72 16.78
C LYS A 144 36.78 5.00 17.97
N MET A 145 36.69 3.69 17.89
CA MET A 145 36.19 2.90 19.01
C MET A 145 37.40 2.52 19.85
N GLU A 146 37.51 1.24 20.18
CA GLU A 146 38.63 0.74 20.98
C GLU A 146 39.29 1.80 21.84
N ALA A 147 40.26 2.51 21.26
CA ALA A 147 41.02 3.56 21.95
C ALA A 147 40.37 4.01 23.25
N LYS A 148 39.15 4.52 23.15
CA LYS A 148 38.40 4.98 24.30
C LYS A 148 37.02 5.38 23.81
N ASN A 149 36.79 6.69 23.74
CA ASN A 149 35.52 7.22 23.27
C ASN A 149 34.37 6.66 24.10
N SER A 150 33.19 6.59 23.48
CA SER A 150 32.00 6.12 24.17
C SER A 150 31.49 4.78 23.68
N TYR A 151 32.20 4.13 22.77
CA TYR A 151 31.75 2.83 22.27
C TYR A 151 32.14 1.72 23.20
N VAL A 152 33.31 1.82 23.82
CA VAL A 152 33.74 0.81 24.77
C VAL A 152 33.50 1.38 26.17
N ARG A 153 32.77 0.65 26.98
CA ARG A 153 32.51 1.09 28.35
C ARG A 153 32.45 -0.14 29.24
N ASP A 154 33.16 -0.08 30.36
CA ASP A 154 33.20 -1.19 31.29
C ASP A 154 33.58 -2.45 30.53
N ASP A 155 34.58 -2.28 29.67
CA ASP A 155 35.15 -3.35 28.85
C ASP A 155 34.15 -4.14 28.00
N ALA A 156 33.18 -3.45 27.44
CA ALA A 156 32.20 -4.11 26.60
C ALA A 156 31.66 -3.18 25.53
N ILE A 157 31.29 -3.74 24.39
CA ILE A 157 30.71 -2.95 23.30
C ILE A 157 29.39 -3.63 22.91
N PHE A 158 28.50 -2.88 22.27
CA PHE A 158 27.24 -3.45 21.82
C PHE A 158 27.09 -3.26 20.33
N ILE A 159 26.82 -4.36 19.63
CA ILE A 159 26.61 -4.34 18.18
C ILE A 159 25.13 -4.58 17.97
N LYS A 160 24.53 -3.80 17.07
CA LYS A 160 23.10 -3.96 16.81
C LYS A 160 22.83 -4.19 15.33
N ALA A 161 21.98 -5.17 15.05
CA ALA A 161 21.59 -5.51 13.69
C ALA A 161 20.08 -5.37 13.54
N ILE A 162 19.66 -4.76 12.45
CA ILE A 162 18.24 -4.60 12.18
C ILE A 162 17.95 -5.09 10.77
N VAL A 163 17.19 -6.18 10.67
CA VAL A 163 16.85 -6.71 9.36
C VAL A 163 15.45 -6.23 9.01
N ASP A 164 15.36 -5.40 7.98
CA ASP A 164 14.08 -4.85 7.55
C ASP A 164 13.16 -6.00 7.17
N LEU A 165 11.91 -5.93 7.64
CA LEU A 165 10.94 -6.99 7.38
C LEU A 165 9.93 -6.71 6.27
N THR A 166 10.20 -5.71 5.43
CA THR A 166 9.27 -5.39 4.34
C THR A 166 9.11 -6.58 3.41
N GLY A 167 7.85 -6.98 3.17
CA GLY A 167 7.58 -8.10 2.29
C GLY A 167 7.42 -9.40 3.04
N LEU A 168 7.85 -9.43 4.29
CA LEU A 168 7.73 -10.64 5.09
C LEU A 168 6.47 -10.58 5.93
N ALA B 1 17.65 -37.44 34.58
CA ALA B 1 17.48 -35.97 34.66
C ALA B 1 18.06 -35.30 33.42
N MET B 2 19.24 -35.74 32.98
CA MET B 2 19.88 -35.19 31.81
C MET B 2 18.92 -35.30 30.62
N ALA B 3 18.40 -36.49 30.41
CA ALA B 3 17.47 -36.75 29.31
C ALA B 3 16.20 -35.92 29.51
N ASP B 4 15.81 -35.74 30.77
CA ASP B 4 14.61 -34.96 31.07
C ASP B 4 14.86 -33.49 30.77
N LEU B 5 16.10 -33.04 30.98
CA LEU B 5 16.43 -31.65 30.73
C LEU B 5 16.43 -31.40 29.23
N GLU B 6 17.00 -32.34 28.47
CA GLU B 6 17.04 -32.20 27.02
C GLU B 6 15.62 -32.03 26.48
N GLN B 7 14.69 -32.80 27.03
CA GLN B 7 13.29 -32.74 26.62
C GLN B 7 12.68 -31.36 26.85
N LYS B 8 12.87 -30.81 28.06
CA LYS B 8 12.34 -29.49 28.37
C LYS B 8 12.90 -28.48 27.39
N VAL B 9 14.21 -28.55 27.16
CA VAL B 9 14.88 -27.64 26.23
C VAL B 9 14.24 -27.69 24.86
N LEU B 10 14.06 -28.90 24.33
CA LEU B 10 13.46 -29.07 23.02
C LEU B 10 12.02 -28.57 22.95
N GLU B 11 11.30 -28.70 24.05
CA GLU B 11 9.92 -28.24 24.10
C GLU B 11 9.92 -26.71 24.10
N MET B 12 10.82 -26.12 24.88
CA MET B 12 10.93 -24.67 24.96
C MET B 12 11.31 -24.11 23.59
N GLU B 13 12.21 -24.79 22.92
CA GLU B 13 12.68 -24.38 21.60
C GLU B 13 11.57 -24.35 20.56
N ALA B 14 10.59 -25.24 20.69
CA ALA B 14 9.49 -25.31 19.73
C ALA B 14 8.27 -24.48 20.10
N SER B 15 8.10 -24.18 21.38
CA SER B 15 6.93 -23.43 21.83
C SER B 15 6.73 -22.06 21.17
N THR B 16 5.46 -21.70 20.98
CA THR B 16 5.09 -20.41 20.42
C THR B 16 3.97 -19.91 21.33
N TYR B 17 3.76 -18.60 21.38
CA TYR B 17 2.71 -18.08 22.24
C TYR B 17 1.70 -17.17 21.57
N ASP B 18 1.39 -17.42 20.31
CA ASP B 18 0.42 -16.58 19.62
C ASP B 18 -0.64 -17.37 18.85
N GLY B 19 -0.81 -18.64 19.20
CA GLY B 19 -1.81 -19.48 18.55
C GLY B 19 -1.39 -20.05 17.20
N VAL B 20 -0.21 -19.66 16.71
CA VAL B 20 0.25 -20.16 15.42
C VAL B 20 1.40 -21.12 15.65
N PHE B 21 1.31 -22.30 15.04
CA PHE B 21 2.32 -23.31 15.20
C PHE B 21 2.67 -24.01 13.89
N ILE B 22 3.95 -24.10 13.59
CA ILE B 22 4.39 -24.80 12.39
C ILE B 22 5.22 -25.98 12.85
N TRP B 23 4.75 -27.16 12.49
CA TRP B 23 5.38 -28.39 12.87
C TRP B 23 6.05 -29.05 11.68
N LYS B 24 7.38 -29.04 11.69
CA LYS B 24 8.15 -29.66 10.63
C LYS B 24 8.47 -31.09 11.02
N ILE B 25 8.11 -32.03 10.16
CA ILE B 25 8.37 -33.44 10.44
C ILE B 25 9.39 -33.99 9.46
N SER B 26 10.64 -34.09 9.92
CA SER B 26 11.73 -34.60 9.10
C SER B 26 11.73 -36.13 9.13
N ASP B 27 12.50 -36.76 8.25
CA ASP B 27 12.56 -38.21 8.19
C ASP B 27 11.16 -38.76 7.92
N PHE B 28 10.46 -38.09 7.01
CA PHE B 28 9.11 -38.47 6.65
C PHE B 28 8.95 -39.92 6.24
N ALA B 29 9.79 -40.38 5.31
CA ALA B 29 9.71 -41.75 4.83
C ALA B 29 9.81 -42.77 5.95
N ARG B 30 10.83 -42.63 6.79
CA ARG B 30 11.04 -43.55 7.91
C ARG B 30 9.86 -43.57 8.88
N LYS B 31 9.43 -42.39 9.32
CA LYS B 31 8.32 -42.30 10.26
C LYS B 31 7.04 -42.80 9.59
N ARG B 32 6.97 -42.63 8.28
CA ARG B 32 5.82 -43.03 7.50
C ARG B 32 5.74 -44.57 7.54
N GLN B 33 6.89 -45.22 7.38
CA GLN B 33 6.93 -46.68 7.44
C GLN B 33 6.71 -47.21 8.84
N GLU B 34 7.18 -46.46 9.85
CA GLU B 34 7.01 -46.88 11.23
C GLU B 34 5.52 -46.85 11.53
N ALA B 35 4.79 -45.98 10.84
CA ALA B 35 3.35 -45.86 11.02
C ALA B 35 2.63 -47.00 10.30
N VAL B 36 3.03 -47.23 9.05
CA VAL B 36 2.44 -48.28 8.24
C VAL B 36 2.70 -49.64 8.90
N ALA B 37 3.91 -49.81 9.44
CA ALA B 37 4.28 -51.06 10.09
C ALA B 37 3.59 -51.21 11.44
N GLY B 38 2.90 -50.18 11.89
CA GLY B 38 2.20 -50.27 13.16
C GLY B 38 3.09 -50.11 14.38
N ARG B 39 4.37 -49.83 14.18
CA ARG B 39 5.28 -49.66 15.31
C ARG B 39 5.06 -48.32 16.01
N ILE B 40 4.84 -47.27 15.23
CA ILE B 40 4.59 -45.93 15.79
C ILE B 40 3.45 -45.31 14.99
N PRO B 41 2.21 -45.70 15.28
CA PRO B 41 1.06 -45.15 14.55
C PRO B 41 0.85 -43.65 14.69
N ALA B 42 1.13 -43.09 15.86
CA ALA B 42 0.92 -41.66 16.08
C ALA B 42 2.11 -40.91 16.65
N ILE B 43 2.13 -39.60 16.40
CA ILE B 43 3.19 -38.74 16.91
C ILE B 43 2.56 -37.46 17.45
N PHE B 44 3.01 -37.04 18.62
CA PHE B 44 2.53 -35.81 19.24
C PHE B 44 3.53 -34.72 18.89
N SER B 45 3.05 -33.51 18.68
CA SER B 45 3.93 -32.39 18.38
C SER B 45 4.22 -31.71 19.72
N PRO B 46 5.22 -30.83 19.75
CA PRO B 46 5.55 -30.12 20.99
C PRO B 46 4.35 -29.20 21.28
N ALA B 47 4.32 -28.61 22.48
CA ALA B 47 3.21 -27.74 22.85
C ALA B 47 3.38 -26.28 22.41
N PHE B 48 2.25 -25.61 22.22
CA PHE B 48 2.25 -24.20 21.86
C PHE B 48 1.08 -23.56 22.62
N TYR B 49 1.05 -22.24 22.68
CA TYR B 49 0.00 -21.58 23.45
C TYR B 49 -0.71 -20.45 22.71
N THR B 50 -1.90 -20.09 23.19
CA THR B 50 -2.68 -19.00 22.60
C THR B 50 -2.12 -17.64 23.02
N SER B 51 -1.41 -17.60 24.15
CA SER B 51 -0.80 -16.38 24.66
C SER B 51 0.25 -16.81 25.68
N ARG B 52 1.09 -15.86 26.12
CA ARG B 52 2.14 -16.18 27.07
C ARG B 52 1.65 -17.00 28.25
N TYR B 53 0.40 -16.78 28.67
CA TYR B 53 -0.18 -17.54 29.78
C TYR B 53 -1.55 -18.08 29.40
N GLY B 54 -1.69 -18.50 28.14
CA GLY B 54 -2.98 -19.01 27.69
C GLY B 54 -3.11 -20.52 27.69
N TYR B 55 -4.01 -21.03 26.85
CA TYR B 55 -4.22 -22.47 26.76
C TYR B 55 -2.99 -23.16 26.21
N LYS B 56 -2.70 -24.35 26.74
CA LYS B 56 -1.58 -25.16 26.28
C LYS B 56 -2.19 -26.19 25.33
N MET B 57 -1.57 -26.37 24.16
CA MET B 57 -2.09 -27.28 23.15
C MET B 57 -1.00 -28.01 22.38
N CYS B 58 -1.37 -29.10 21.71
CA CYS B 58 -0.42 -29.81 20.87
C CYS B 58 -1.19 -30.53 19.78
N LEU B 59 -0.46 -31.09 18.83
CA LEU B 59 -1.10 -31.80 17.73
C LEU B 59 -0.77 -33.26 17.80
N ARG B 60 -1.62 -34.08 17.18
CA ARG B 60 -1.36 -35.51 17.13
C ARG B 60 -1.63 -35.95 15.71
N ILE B 61 -0.63 -36.55 15.09
CA ILE B 61 -0.76 -36.98 13.72
C ILE B 61 -0.57 -38.49 13.53
N TYR B 62 -1.29 -39.05 12.57
CA TYR B 62 -1.18 -40.46 12.22
C TYR B 62 -0.79 -40.47 10.74
N LEU B 63 0.49 -40.71 10.47
CA LEU B 63 0.99 -40.72 9.10
C LEU B 63 0.33 -41.77 8.22
N ASN B 64 -0.34 -42.75 8.83
CA ASN B 64 -1.04 -43.77 8.05
C ASN B 64 -2.52 -43.84 8.44
N GLY B 65 -2.99 -42.81 9.12
CA GLY B 65 -4.40 -42.76 9.48
C GLY B 65 -4.91 -43.32 10.77
N ASP B 66 -6.09 -42.87 11.16
CA ASP B 66 -6.77 -43.29 12.38
C ASP B 66 -8.26 -43.24 12.11
N GLY B 67 -9.02 -44.05 12.85
CA GLY B 67 -10.46 -44.08 12.69
C GLY B 67 -10.88 -44.32 11.24
N THR B 68 -11.78 -43.46 10.75
CA THR B 68 -12.28 -43.59 9.38
C THR B 68 -11.21 -43.37 8.31
N GLY B 69 -10.01 -42.99 8.71
CA GLY B 69 -8.96 -42.76 7.72
C GLY B 69 -7.81 -43.73 7.84
N ARG B 70 -7.93 -44.67 8.75
CA ARG B 70 -6.88 -45.66 8.97
C ARG B 70 -6.49 -46.36 7.66
N GLY B 71 -5.21 -46.31 7.34
CA GLY B 71 -4.70 -46.96 6.15
C GLY B 71 -4.94 -46.23 4.83
N THR B 72 -5.71 -45.14 4.87
CA THR B 72 -6.00 -44.42 3.64
C THR B 72 -5.70 -42.92 3.72
N HIS B 73 -5.76 -42.36 4.92
CA HIS B 73 -5.51 -40.94 5.09
C HIS B 73 -4.51 -40.57 6.17
N LEU B 74 -4.05 -39.34 6.08
CA LEU B 74 -3.16 -38.79 7.08
C LEU B 74 -4.22 -38.21 8.01
N SER B 75 -4.19 -38.59 9.28
CA SER B 75 -5.15 -38.08 10.25
C SER B 75 -4.44 -37.07 11.15
N LEU B 76 -5.04 -35.89 11.30
CA LEU B 76 -4.45 -34.83 12.10
C LEU B 76 -5.45 -34.42 13.18
N PHE B 77 -4.98 -34.39 14.42
CA PHE B 77 -5.85 -34.01 15.53
C PHE B 77 -5.29 -32.89 16.40
N PHE B 78 -6.21 -32.19 17.07
CA PHE B 78 -5.88 -31.09 17.95
C PHE B 78 -6.04 -31.61 19.39
N VAL B 79 -5.16 -31.18 20.28
CA VAL B 79 -5.20 -31.63 21.66
C VAL B 79 -5.12 -30.50 22.66
N VAL B 80 -6.11 -30.40 23.54
CA VAL B 80 -6.08 -29.40 24.60
C VAL B 80 -5.32 -30.05 25.75
N MET B 81 -4.24 -29.42 26.19
CA MET B 81 -3.46 -29.99 27.28
C MET B 81 -3.69 -29.26 28.60
N LYS B 82 -3.27 -29.88 29.69
CA LYS B 82 -3.40 -29.22 30.98
C LYS B 82 -2.30 -28.14 30.99
N GLY B 83 -2.73 -26.88 31.03
CA GLY B 83 -1.76 -25.80 31.05
C GLY B 83 -1.56 -25.30 32.47
N PRO B 84 -0.41 -24.68 32.76
CA PRO B 84 -0.10 -24.16 34.10
C PRO B 84 -1.01 -23.02 34.57
N ASN B 85 -1.73 -22.41 33.65
CA ASN B 85 -2.61 -21.30 34.02
C ASN B 85 -4.09 -21.57 33.73
N ASP B 86 -4.46 -22.84 33.57
CA ASP B 86 -5.87 -23.16 33.28
C ASP B 86 -6.88 -22.54 34.23
N ALA B 87 -6.48 -22.34 35.49
CA ALA B 87 -7.38 -21.77 36.48
C ALA B 87 -7.80 -20.34 36.13
N LEU B 88 -6.99 -19.65 35.33
CA LEU B 88 -7.29 -18.29 34.93
C LEU B 88 -8.04 -18.21 33.60
N LEU B 89 -8.18 -19.34 32.94
CA LEU B 89 -8.82 -19.39 31.63
C LEU B 89 -10.29 -19.80 31.65
N ARG B 90 -11.01 -19.42 30.61
CA ARG B 90 -12.42 -19.77 30.51
C ARG B 90 -12.55 -21.17 29.95
N TRP B 91 -13.49 -21.95 30.49
CA TRP B 91 -13.72 -23.30 30.01
C TRP B 91 -15.21 -23.49 29.80
N PRO B 92 -15.61 -24.35 28.85
CA PRO B 92 -14.74 -25.15 27.97
C PRO B 92 -14.01 -24.33 26.90
N PHE B 93 -12.93 -24.90 26.39
CA PHE B 93 -12.13 -24.28 25.33
C PHE B 93 -13.09 -24.01 24.18
N ASN B 94 -13.08 -22.81 23.63
CA ASN B 94 -14.02 -22.46 22.57
C ASN B 94 -13.45 -21.70 21.37
N GLN B 95 -12.17 -21.84 21.09
CA GLN B 95 -11.54 -21.12 19.96
C GLN B 95 -11.56 -21.92 18.65
N LYS B 96 -11.78 -21.21 17.54
CA LYS B 96 -11.77 -21.87 16.23
C LYS B 96 -10.35 -22.34 15.97
N VAL B 97 -10.22 -23.55 15.42
CA VAL B 97 -8.90 -24.10 15.13
C VAL B 97 -8.78 -24.38 13.63
N THR B 98 -7.67 -23.96 13.04
CA THR B 98 -7.42 -24.20 11.61
C THR B 98 -6.19 -25.09 11.50
N LEU B 99 -6.29 -26.14 10.67
CA LEU B 99 -5.19 -27.08 10.47
C LEU B 99 -4.79 -27.12 9.00
N MET B 100 -3.49 -27.18 8.73
CA MET B 100 -3.01 -27.17 7.35
C MET B 100 -1.82 -28.09 7.10
N LEU B 101 -1.75 -28.61 5.88
CA LEU B 101 -0.64 -29.43 5.41
C LEU B 101 -0.10 -28.48 4.35
N LEU B 102 1.09 -27.93 4.57
CA LEU B 102 1.64 -26.95 3.64
C LEU B 102 2.25 -27.48 2.36
N ASP B 103 1.84 -26.87 1.24
CA ASP B 103 2.38 -27.24 -0.07
C ASP B 103 3.69 -26.50 -0.15
N GLN B 104 4.80 -27.21 -0.39
CA GLN B 104 6.09 -26.55 -0.48
C GLN B 104 6.37 -25.94 -1.84
N ASN B 105 5.29 -25.53 -2.50
CA ASN B 105 5.30 -24.86 -3.80
C ASN B 105 4.21 -23.79 -3.67
N ASN B 106 3.62 -23.74 -2.47
CA ASN B 106 2.56 -22.79 -2.13
C ASN B 106 1.47 -22.78 -3.19
N ARG B 107 1.36 -23.88 -3.93
CA ARG B 107 0.36 -23.99 -4.98
C ARG B 107 -1.04 -24.20 -4.42
N GLU B 108 -1.14 -25.00 -3.37
CA GLU B 108 -2.43 -25.27 -2.75
C GLU B 108 -2.26 -26.08 -1.48
N HIS B 109 -2.42 -25.41 -0.34
CA HIS B 109 -2.29 -26.07 0.94
C HIS B 109 -3.55 -26.85 1.24
N VAL B 110 -3.42 -27.91 2.00
CA VAL B 110 -4.58 -28.68 2.41
C VAL B 110 -5.02 -27.95 3.68
N ILE B 111 -6.28 -27.57 3.75
CA ILE B 111 -6.75 -26.86 4.93
C ILE B 111 -8.12 -27.28 5.38
N ASP B 112 -8.35 -27.18 6.69
CA ASP B 112 -9.63 -27.50 7.27
C ASP B 112 -9.71 -26.72 8.56
N ALA B 113 -10.92 -26.50 9.05
CA ALA B 113 -11.09 -25.74 10.28
C ALA B 113 -12.32 -26.27 10.98
N PHE B 114 -12.37 -26.09 12.29
CA PHE B 114 -13.51 -26.54 13.06
C PHE B 114 -13.71 -25.70 14.30
N ARG B 115 -14.96 -25.65 14.75
CA ARG B 115 -15.32 -24.94 15.95
C ARG B 115 -15.50 -26.04 16.98
N PRO B 116 -14.82 -25.93 18.14
CA PRO B 116 -14.94 -26.95 19.18
C PRO B 116 -16.37 -27.21 19.65
N ASP B 117 -16.70 -28.48 19.86
CA ASP B 117 -18.03 -28.87 20.34
C ASP B 117 -17.99 -28.64 21.84
N VAL B 118 -18.57 -27.52 22.29
CA VAL B 118 -18.59 -27.15 23.70
C VAL B 118 -18.99 -28.27 24.67
N THR B 119 -19.82 -29.20 24.20
CA THR B 119 -20.29 -30.30 25.03
C THR B 119 -19.33 -31.50 25.04
N SER B 120 -18.26 -31.43 24.24
CA SER B 120 -17.32 -32.53 24.18
C SER B 120 -16.27 -32.52 25.30
N SER B 121 -15.94 -33.70 25.81
CA SER B 121 -14.95 -33.78 26.88
C SER B 121 -13.59 -33.32 26.37
N SER B 122 -13.40 -33.33 25.06
CA SER B 122 -12.14 -32.89 24.47
C SER B 122 -11.83 -31.43 24.76
N PHE B 123 -12.83 -30.64 25.12
CA PHE B 123 -12.60 -29.23 25.38
C PHE B 123 -12.89 -28.72 26.79
N GLN B 124 -13.08 -29.65 27.73
CA GLN B 124 -13.33 -29.28 29.12
C GLN B 124 -11.99 -28.99 29.80
N ARG B 125 -12.03 -28.35 30.96
CA ARG B 125 -10.78 -28.08 31.64
C ARG B 125 -10.11 -29.42 31.92
N PRO B 126 -8.88 -29.61 31.42
CA PRO B 126 -8.16 -30.86 31.62
C PRO B 126 -7.94 -31.32 33.06
N VAL B 127 -8.14 -32.61 33.27
CA VAL B 127 -7.94 -33.25 34.57
C VAL B 127 -6.69 -34.12 34.42
N ASN B 128 -6.45 -34.56 33.19
CA ASN B 128 -5.29 -35.37 32.87
C ASN B 128 -4.32 -34.46 32.12
N ASP B 129 -3.15 -34.98 31.80
CA ASP B 129 -2.13 -34.21 31.08
C ASP B 129 -2.68 -33.76 29.72
N MET B 130 -3.55 -34.58 29.14
CA MET B 130 -4.14 -34.27 27.84
C MET B 130 -5.59 -34.70 27.73
N ASN B 131 -6.42 -33.85 27.13
CA ASN B 131 -7.82 -34.21 26.89
C ASN B 131 -7.83 -35.13 25.68
N ILE B 132 -8.97 -35.76 25.43
CA ILE B 132 -9.12 -36.64 24.28
C ILE B 132 -8.97 -35.76 23.04
N ALA B 133 -8.09 -36.17 22.13
CA ALA B 133 -7.86 -35.44 20.90
C ALA B 133 -9.06 -35.47 19.97
N SER B 134 -9.19 -34.46 19.12
CA SER B 134 -10.30 -34.40 18.15
C SER B 134 -9.77 -33.62 16.96
N GLY B 135 -10.43 -33.74 15.83
CA GLY B 135 -9.95 -33.01 14.66
C GLY B 135 -10.36 -33.58 13.32
N CYS B 136 -9.37 -33.99 12.52
CA CYS B 136 -9.65 -34.47 11.16
C CYS B 136 -9.09 -35.85 10.80
N PRO B 137 -9.92 -36.90 10.93
CA PRO B 137 -9.55 -38.29 10.63
C PRO B 137 -9.25 -38.49 9.13
N LEU B 138 -9.89 -37.68 8.29
CA LEU B 138 -9.72 -37.75 6.85
C LEU B 138 -9.09 -36.46 6.31
N PHE B 139 -8.09 -35.96 7.03
CA PHE B 139 -7.44 -34.72 6.65
C PHE B 139 -6.87 -34.71 5.23
N CYS B 140 -6.05 -35.71 4.92
CA CYS B 140 -5.45 -35.77 3.59
C CYS B 140 -5.18 -37.21 3.14
N PRO B 141 -5.62 -37.55 1.92
CA PRO B 141 -5.39 -38.90 1.42
C PRO B 141 -3.89 -39.18 1.33
N VAL B 142 -3.49 -40.38 1.73
CA VAL B 142 -2.07 -40.76 1.68
C VAL B 142 -1.46 -40.52 0.31
N SER B 143 -2.27 -40.72 -0.74
CA SER B 143 -1.81 -40.53 -2.11
C SER B 143 -1.58 -39.07 -2.47
N LYS B 144 -2.48 -38.19 -2.05
CA LYS B 144 -2.32 -36.77 -2.37
C LYS B 144 -0.97 -36.26 -1.86
N MET B 145 -0.64 -36.64 -0.63
CA MET B 145 0.63 -36.22 -0.06
C MET B 145 1.62 -37.33 -0.41
N GLU B 146 2.38 -37.78 0.59
CA GLU B 146 3.35 -38.85 0.46
C GLU B 146 3.80 -39.08 -0.99
N ALA B 147 3.04 -39.88 -1.71
CA ALA B 147 3.31 -40.23 -3.11
C ALA B 147 4.41 -39.38 -3.73
N LYS B 148 4.17 -38.08 -3.78
CA LYS B 148 5.12 -37.13 -4.34
C LYS B 148 4.52 -35.75 -4.14
N ASN B 149 3.95 -35.20 -5.21
CA ASN B 149 3.31 -33.88 -5.14
C ASN B 149 4.27 -32.84 -4.56
N SER B 150 3.71 -31.79 -3.96
CA SER B 150 4.53 -30.74 -3.40
C SER B 150 4.51 -30.66 -1.88
N TYR B 151 3.81 -31.59 -1.23
CA TYR B 151 3.74 -31.59 0.23
C TYR B 151 5.00 -32.16 0.86
N VAL B 152 5.54 -33.22 0.27
CA VAL B 152 6.76 -33.84 0.77
C VAL B 152 7.92 -33.33 -0.09
N ARG B 153 8.88 -32.67 0.54
CA ARG B 153 10.06 -32.18 -0.18
C ARG B 153 11.26 -32.37 0.72
N ASP B 154 12.32 -32.94 0.16
CA ASP B 154 13.54 -33.22 0.89
C ASP B 154 13.24 -34.04 2.14
N ASP B 155 12.32 -34.99 1.95
CA ASP B 155 11.92 -35.91 3.00
C ASP B 155 11.42 -35.24 4.28
N ALA B 156 10.56 -34.24 4.11
CA ALA B 156 9.97 -33.53 5.25
C ALA B 156 8.66 -32.88 4.83
N ILE B 157 7.76 -32.73 5.79
CA ILE B 157 6.47 -32.09 5.54
C ILE B 157 6.32 -31.04 6.63
N PHE B 158 5.47 -30.05 6.38
CA PHE B 158 5.21 -29.02 7.37
C PHE B 158 3.73 -28.97 7.66
N ILE B 159 3.39 -29.08 8.94
CA ILE B 159 2.01 -29.02 9.37
C ILE B 159 1.85 -27.65 10.01
N LYS B 160 0.72 -26.98 9.77
CA LYS B 160 0.51 -25.69 10.40
C LYS B 160 -0.82 -25.63 11.12
N ALA B 161 -0.79 -25.09 12.33
CA ALA B 161 -1.99 -24.94 13.13
C ALA B 161 -2.18 -23.47 13.46
N ILE B 162 -3.42 -23.02 13.41
CA ILE B 162 -3.74 -21.64 13.71
C ILE B 162 -4.96 -21.61 14.61
N VAL B 163 -4.78 -21.14 15.84
CA VAL B 163 -5.90 -21.07 16.78
C VAL B 163 -6.39 -19.64 16.80
N ASP B 164 -7.65 -19.44 16.46
CA ASP B 164 -8.22 -18.09 16.46
C ASP B 164 -8.24 -17.51 17.87
N LEU B 165 -7.84 -16.25 18.00
CA LEU B 165 -7.74 -15.60 19.30
C LEU B 165 -8.90 -14.69 19.70
N THR B 166 -10.00 -14.76 18.98
CA THR B 166 -11.16 -13.92 19.30
C THR B 166 -11.60 -14.17 20.74
N GLY B 167 -11.73 -13.09 21.51
CA GLY B 167 -12.15 -13.22 22.89
C GLY B 167 -11.00 -13.44 23.87
N LEU B 168 -9.78 -13.46 23.36
CA LEU B 168 -8.62 -13.66 24.23
C LEU B 168 -7.63 -12.52 24.02
N ALA C 1 27.05 -27.40 38.12
CA ALA C 1 26.87 -27.37 36.65
C ALA C 1 25.51 -27.92 36.26
N MET C 2 25.24 -29.17 36.66
CA MET C 2 23.97 -29.83 36.37
C MET C 2 22.82 -28.99 36.91
N ALA C 3 22.85 -28.69 38.20
CA ALA C 3 21.81 -27.90 38.82
C ALA C 3 21.83 -26.47 38.28
N ASP C 4 23.03 -26.02 37.90
CA ASP C 4 23.21 -24.67 37.35
C ASP C 4 22.50 -24.53 36.01
N LEU C 5 22.60 -25.57 35.19
CA LEU C 5 21.96 -25.56 33.88
C LEU C 5 20.44 -25.69 33.98
N GLU C 6 19.97 -26.43 34.98
CA GLU C 6 18.54 -26.60 35.18
C GLU C 6 17.97 -25.26 35.61
N GLN C 7 18.70 -24.57 36.48
CA GLN C 7 18.28 -23.26 36.96
C GLN C 7 18.13 -22.30 35.78
N LYS C 8 19.13 -22.28 34.91
CA LYS C 8 19.11 -21.42 33.74
C LYS C 8 17.88 -21.73 32.89
N VAL C 9 17.64 -23.01 32.67
CA VAL C 9 16.48 -23.43 31.87
C VAL C 9 15.16 -23.01 32.52
N LEU C 10 15.05 -23.14 33.85
CA LEU C 10 13.83 -22.74 34.53
C LEU C 10 13.60 -21.23 34.44
N GLU C 11 14.69 -20.48 34.48
CA GLU C 11 14.61 -19.02 34.40
C GLU C 11 14.12 -18.61 33.01
N MET C 12 14.77 -19.13 31.98
CA MET C 12 14.40 -18.84 30.60
C MET C 12 12.94 -19.17 30.34
N GLU C 13 12.49 -20.29 30.90
CA GLU C 13 11.12 -20.75 30.73
C GLU C 13 10.09 -19.80 31.33
N ALA C 14 10.45 -19.10 32.41
CA ALA C 14 9.53 -18.18 33.07
C ALA C 14 9.65 -16.73 32.61
N SER C 15 10.76 -16.37 31.97
CA SER C 15 10.91 -14.98 31.56
C SER C 15 9.93 -14.53 30.49
N THR C 16 9.61 -13.25 30.52
CA THR C 16 8.74 -12.63 29.56
C THR C 16 9.49 -11.35 29.19
N TYR C 17 9.16 -10.78 28.03
CA TYR C 17 9.84 -9.57 27.59
C TYR C 17 8.92 -8.46 27.12
N ASP C 18 7.76 -8.31 27.74
CA ASP C 18 6.85 -7.24 27.35
C ASP C 18 6.33 -6.46 28.56
N GLY C 19 6.99 -6.64 29.70
CA GLY C 19 6.60 -5.94 30.91
C GLY C 19 5.43 -6.52 31.67
N VAL C 20 4.93 -7.67 31.23
CA VAL C 20 3.82 -8.32 31.90
C VAL C 20 4.29 -9.67 32.42
N PHE C 21 3.99 -9.93 33.69
CA PHE C 21 4.40 -11.17 34.30
C PHE C 21 3.28 -11.73 35.18
N ILE C 22 3.06 -13.03 35.10
CA ILE C 22 2.08 -13.68 35.94
C ILE C 22 2.86 -14.72 36.71
N TRP C 23 2.82 -14.60 38.03
CA TRP C 23 3.55 -15.47 38.93
C TRP C 23 2.63 -16.42 39.69
N LYS C 24 2.69 -17.69 39.33
CA LYS C 24 1.87 -18.71 39.97
C LYS C 24 2.63 -19.27 41.17
N ILE C 25 2.02 -19.17 42.35
CA ILE C 25 2.67 -19.69 43.54
C ILE C 25 1.88 -20.88 44.04
N SER C 26 2.42 -22.07 43.78
CA SER C 26 1.78 -23.33 44.20
C SER C 26 2.23 -23.71 45.60
N ASP C 27 1.62 -24.75 46.15
CA ASP C 27 1.93 -25.22 47.48
C ASP C 27 1.78 -24.05 48.46
N PHE C 28 0.78 -23.21 48.18
CA PHE C 28 0.49 -22.03 48.98
C PHE C 28 0.48 -22.27 50.48
N ALA C 29 -0.35 -23.23 50.91
CA ALA C 29 -0.48 -23.57 52.33
C ALA C 29 0.86 -23.81 52.99
N ARG C 30 1.68 -24.65 52.37
CA ARG C 30 3.00 -24.96 52.90
C ARG C 30 3.92 -23.72 52.98
N LYS C 31 4.01 -22.97 51.90
CA LYS C 31 4.85 -21.79 51.88
C LYS C 31 4.31 -20.73 52.84
N ARG C 32 2.99 -20.69 52.96
CA ARG C 32 2.32 -19.74 53.83
C ARG C 32 2.76 -20.01 55.27
N GLN C 33 2.74 -21.29 55.64
CA GLN C 33 3.15 -21.70 56.98
C GLN C 33 4.65 -21.46 57.22
N GLU C 34 5.47 -21.63 56.18
CA GLU C 34 6.91 -21.41 56.34
C GLU C 34 7.19 -19.93 56.57
N ALA C 35 6.33 -19.07 56.03
CA ALA C 35 6.47 -17.63 56.22
C ALA C 35 6.03 -17.29 57.64
N VAL C 36 4.91 -17.85 58.06
CA VAL C 36 4.38 -17.64 59.40
C VAL C 36 5.40 -18.09 60.45
N ALA C 37 5.99 -19.26 60.22
CA ALA C 37 6.98 -19.80 61.14
C ALA C 37 8.30 -19.05 61.07
N GLY C 38 8.43 -18.15 60.10
CA GLY C 38 9.65 -17.38 59.97
C GLY C 38 10.77 -18.19 59.35
N ARG C 39 10.45 -19.41 58.92
CA ARG C 39 11.44 -20.28 58.29
C ARG C 39 11.83 -19.70 56.92
N ILE C 40 10.84 -19.29 56.14
CA ILE C 40 11.10 -18.67 54.83
C ILE C 40 10.17 -17.47 54.73
N PRO C 41 10.59 -16.33 55.29
CA PRO C 41 9.82 -15.10 55.28
C PRO C 41 9.45 -14.55 53.90
N ALA C 42 10.37 -14.64 52.95
CA ALA C 42 10.10 -14.11 51.61
C ALA C 42 10.45 -15.06 50.48
N ILE C 43 9.89 -14.77 49.32
CA ILE C 43 10.13 -15.57 48.12
C ILE C 43 10.32 -14.59 46.96
N PHE C 44 11.26 -14.89 46.07
CA PHE C 44 11.49 -14.06 44.90
C PHE C 44 10.90 -14.76 43.69
N SER C 45 10.35 -13.99 42.76
CA SER C 45 9.80 -14.57 41.55
C SER C 45 10.92 -14.63 40.53
N PRO C 46 10.71 -15.34 39.42
CA PRO C 46 11.73 -15.42 38.37
C PRO C 46 11.80 -14.01 37.76
N ALA C 47 12.85 -13.72 36.99
CA ALA C 47 13.00 -12.41 36.36
C ALA C 47 12.22 -12.26 35.06
N PHE C 48 11.85 -11.02 34.73
CA PHE C 48 11.13 -10.71 33.49
C PHE C 48 11.62 -9.35 33.00
N TYR C 49 11.37 -9.01 31.74
CA TYR C 49 11.90 -7.76 31.19
C TYR C 49 10.87 -6.86 30.52
N THR C 50 11.24 -5.60 30.34
CA THR C 50 10.37 -4.62 29.69
C THR C 50 10.34 -4.80 28.17
N SER C 51 11.45 -5.32 27.62
CA SER C 51 11.60 -5.58 26.18
C SER C 51 12.71 -6.63 26.03
N ARG C 52 12.94 -7.09 24.81
CA ARG C 52 13.96 -8.11 24.57
C ARG C 52 15.28 -7.77 25.26
N TYR C 53 15.66 -6.49 25.23
CA TYR C 53 16.91 -6.07 25.87
C TYR C 53 16.64 -4.91 26.84
N GLY C 54 15.52 -4.98 27.56
CA GLY C 54 15.17 -3.92 28.50
C GLY C 54 15.59 -4.15 29.94
N TYR C 55 14.93 -3.45 30.86
CA TYR C 55 15.25 -3.61 32.28
C TYR C 55 14.92 -5.03 32.75
N LYS C 56 15.73 -5.53 33.68
CA LYS C 56 15.52 -6.84 34.26
C LYS C 56 14.87 -6.59 35.62
N MET C 57 13.77 -7.27 35.89
CA MET C 57 13.02 -7.08 37.14
C MET C 57 12.49 -8.40 37.72
N CYS C 58 12.15 -8.38 39.00
CA CYS C 58 11.56 -9.55 39.64
C CYS C 58 10.67 -9.05 40.78
N LEU C 59 9.94 -9.96 41.40
CA LEU C 59 9.07 -9.59 42.51
C LEU C 59 9.54 -10.29 43.78
N ARG C 60 9.18 -9.71 44.92
CA ARG C 60 9.52 -10.29 46.22
C ARG C 60 8.25 -10.23 47.06
N ILE C 61 7.80 -11.38 47.53
CA ILE C 61 6.59 -11.43 48.31
C ILE C 61 6.80 -12.02 49.71
N TYR C 62 6.05 -11.48 50.66
CA TYR C 62 6.08 -11.99 52.04
C TYR C 62 4.68 -12.52 52.30
N LEU C 63 4.54 -13.83 52.33
CA LEU C 63 3.21 -14.42 52.54
C LEU C 63 2.64 -14.13 53.92
N ASN C 64 3.47 -13.64 54.84
CA ASN C 64 2.98 -13.29 56.17
C ASN C 64 3.38 -11.86 56.54
N GLY C 65 3.65 -11.06 55.52
CA GLY C 65 3.97 -9.66 55.73
C GLY C 65 5.39 -9.23 56.05
N ASP C 66 5.63 -7.94 55.86
CA ASP C 66 6.92 -7.33 56.13
C ASP C 66 6.68 -5.87 56.46
N GLY C 67 7.52 -5.30 57.33
CA GLY C 67 7.35 -3.92 57.71
C GLY C 67 6.01 -3.68 58.38
N THR C 68 5.31 -2.65 57.95
CA THR C 68 4.01 -2.33 58.54
C THR C 68 2.99 -3.45 58.35
N GLY C 69 3.28 -4.39 57.45
CA GLY C 69 2.36 -5.48 57.21
C GLY C 69 2.73 -6.80 57.86
N ARG C 70 3.85 -6.82 58.58
CA ARG C 70 4.32 -8.04 59.23
C ARG C 70 3.26 -8.73 60.09
N GLY C 71 2.98 -10.00 59.75
CA GLY C 71 2.02 -10.79 60.49
C GLY C 71 0.55 -10.49 60.26
N THR C 72 0.26 -9.47 59.46
CA THR C 72 -1.13 -9.11 59.20
C THR C 72 -1.49 -9.03 57.71
N HIS C 73 -0.49 -8.79 56.87
CA HIS C 73 -0.76 -8.68 55.44
C HIS C 73 0.21 -9.46 54.58
N LEU C 74 -0.17 -9.57 53.33
CA LEU C 74 0.67 -10.19 52.33
C LEU C 74 1.40 -8.95 51.82
N SER C 75 2.73 -8.95 51.84
CA SER C 75 3.50 -7.80 51.36
C SER C 75 4.13 -8.15 50.01
N LEU C 76 3.91 -7.29 49.01
CA LEU C 76 4.40 -7.53 47.67
C LEU C 76 5.32 -6.39 47.23
N PHE C 77 6.52 -6.72 46.79
CA PHE C 77 7.44 -5.69 46.34
C PHE C 77 7.98 -5.93 44.94
N PHE C 78 8.42 -4.84 44.32
CA PHE C 78 8.99 -4.81 42.98
C PHE C 78 10.50 -4.63 43.13
N VAL C 79 11.27 -5.35 42.32
CA VAL C 79 12.72 -5.26 42.37
C VAL C 79 13.36 -4.99 41.01
N VAL C 80 14.17 -3.94 40.95
CA VAL C 80 14.91 -3.65 39.72
C VAL C 80 16.20 -4.42 39.88
N MET C 81 16.52 -5.29 38.91
CA MET C 81 17.74 -6.09 38.98
C MET C 81 18.81 -5.59 38.01
N LYS C 82 20.05 -6.02 38.20
CA LYS C 82 21.10 -5.64 37.28
C LYS C 82 20.86 -6.43 36.00
N GLY C 83 20.56 -5.73 34.92
CA GLY C 83 20.30 -6.39 33.65
C GLY C 83 21.54 -6.40 32.77
N PRO C 84 21.63 -7.36 31.84
CA PRO C 84 22.78 -7.48 30.94
C PRO C 84 22.94 -6.30 29.99
N ASN C 85 21.90 -5.48 29.87
CA ASN C 85 21.94 -4.33 28.96
C ASN C 85 21.70 -2.97 29.62
N ASP C 86 21.90 -2.89 30.94
CA ASP C 86 21.67 -1.64 31.65
C ASP C 86 22.44 -0.45 31.08
N ALA C 87 23.61 -0.72 30.49
CA ALA C 87 24.40 0.37 29.92
C ALA C 87 23.62 1.10 28.83
N LEU C 88 22.73 0.39 28.14
CA LEU C 88 21.94 0.96 27.07
C LEU C 88 20.64 1.61 27.53
N LEU C 89 20.33 1.48 28.82
CA LEU C 89 19.09 1.99 29.37
C LEU C 89 19.19 3.32 30.11
N ARG C 90 18.07 4.04 30.17
CA ARG C 90 18.01 5.31 30.86
C ARG C 90 17.78 5.08 32.36
N TRP C 91 18.52 5.81 33.18
CA TRP C 91 18.39 5.70 34.63
C TRP C 91 18.18 7.08 35.24
N PRO C 92 17.45 7.16 36.37
CA PRO C 92 16.84 6.04 37.09
C PRO C 92 15.64 5.42 36.40
N PHE C 93 15.29 4.21 36.81
CA PHE C 93 14.15 3.48 36.30
C PHE C 93 12.96 4.40 36.56
N ASN C 94 12.10 4.60 35.57
CA ASN C 94 10.99 5.51 35.77
C ASN C 94 9.66 5.07 35.14
N GLN C 95 9.41 3.77 35.13
CA GLN C 95 8.16 3.24 34.54
C GLN C 95 7.12 2.92 35.59
N LYS C 96 5.88 3.26 35.31
CA LYS C 96 4.81 2.96 36.26
C LYS C 96 4.72 1.45 36.41
N VAL C 97 4.48 1.00 37.63
CA VAL C 97 4.36 -0.43 37.91
C VAL C 97 3.03 -0.73 38.57
N THR C 98 2.32 -1.73 38.05
CA THR C 98 1.04 -2.14 38.63
C THR C 98 1.20 -3.57 39.15
N LEU C 99 0.78 -3.81 40.39
CA LEU C 99 0.88 -5.13 41.00
C LEU C 99 -0.52 -5.62 41.37
N MET C 100 -0.79 -6.90 41.14
CA MET C 100 -2.12 -7.43 41.44
C MET C 100 -2.09 -8.85 42.01
N LEU C 101 -3.07 -9.16 42.83
CA LEU C 101 -3.26 -10.49 43.37
C LEU C 101 -4.51 -10.86 42.58
N LEU C 102 -4.46 -11.91 41.79
CA LEU C 102 -5.62 -12.23 40.98
C LEU C 102 -6.72 -13.02 41.67
N ASP C 103 -7.96 -12.58 41.44
CA ASP C 103 -9.13 -13.26 41.97
C ASP C 103 -9.41 -14.35 40.95
N GLN C 104 -9.39 -15.61 41.37
CA GLN C 104 -9.62 -16.70 40.45
C GLN C 104 -11.10 -16.91 40.13
N ASN C 105 -11.87 -15.88 40.43
CA ASN C 105 -13.30 -15.82 40.15
C ASN C 105 -13.48 -14.54 39.35
N ASN C 106 -12.34 -13.93 39.03
CA ASN C 106 -12.27 -12.69 38.26
C ASN C 106 -13.34 -11.68 38.67
N ARG C 107 -13.73 -11.71 39.93
CA ARG C 107 -14.77 -10.81 40.43
C ARG C 107 -14.17 -9.55 41.07
N GLU C 108 -13.05 -9.72 41.76
CA GLU C 108 -12.41 -8.59 42.42
C GLU C 108 -10.92 -8.82 42.68
N HIS C 109 -10.08 -8.29 41.80
CA HIS C 109 -8.64 -8.44 41.96
C HIS C 109 -8.09 -7.39 42.92
N VAL C 110 -7.03 -7.73 43.63
CA VAL C 110 -6.40 -6.77 44.52
C VAL C 110 -5.38 -6.06 43.61
N ILE C 111 -5.41 -4.74 43.60
CA ILE C 111 -4.51 -3.99 42.75
C ILE C 111 -3.97 -2.73 43.38
N ASP C 112 -2.75 -2.38 43.01
CA ASP C 112 -2.10 -1.17 43.49
C ASP C 112 -1.12 -0.81 42.38
N ALA C 113 -0.71 0.44 42.32
CA ALA C 113 0.21 0.88 41.28
C ALA C 113 0.99 2.07 41.80
N PHE C 114 2.23 2.21 41.33
CA PHE C 114 3.04 3.31 41.77
C PHE C 114 3.98 3.82 40.69
N ARG C 115 4.30 5.11 40.77
CA ARG C 115 5.24 5.73 39.85
C ARG C 115 6.50 5.85 40.70
N PRO C 116 7.60 5.25 40.24
CA PRO C 116 8.88 5.27 40.96
C PRO C 116 9.35 6.63 41.47
N ASP C 117 9.88 6.63 42.69
CA ASP C 117 10.43 7.86 43.25
C ASP C 117 11.84 7.93 42.67
N VAL C 118 12.01 8.75 41.63
CA VAL C 118 13.28 8.94 40.96
C VAL C 118 14.49 9.23 41.88
N THR C 119 14.23 9.75 43.06
CA THR C 119 15.31 10.07 43.99
C THR C 119 15.65 8.89 44.89
N SER C 120 14.89 7.81 44.74
CA SER C 120 15.09 6.60 45.53
C SER C 120 16.20 5.70 45.02
N SER C 121 16.86 5.05 45.96
CA SER C 121 17.95 4.12 45.69
C SER C 121 17.43 2.89 44.96
N SER C 122 16.13 2.63 45.10
CA SER C 122 15.49 1.48 44.47
C SER C 122 15.45 1.53 42.95
N PHE C 123 15.59 2.73 42.39
CA PHE C 123 15.51 2.87 40.94
C PHE C 123 16.76 3.37 40.22
N GLN C 124 17.87 3.48 40.93
CA GLN C 124 19.10 3.93 40.31
C GLN C 124 19.69 2.75 39.54
N ARG C 125 20.68 3.00 38.69
CA ARG C 125 21.26 1.89 37.96
C ARG C 125 21.86 0.93 38.97
N PRO C 126 21.53 -0.36 38.87
CA PRO C 126 22.01 -1.39 39.77
C PRO C 126 23.53 -1.54 39.85
N VAL C 127 24.04 -1.66 41.07
CA VAL C 127 25.46 -1.85 41.34
C VAL C 127 25.59 -3.29 41.79
N ASN C 128 24.54 -3.75 42.48
CA ASN C 128 24.48 -5.12 42.99
C ASN C 128 23.51 -5.94 42.11
N ASP C 129 23.38 -7.21 42.39
CA ASP C 129 22.48 -8.07 41.61
C ASP C 129 21.04 -7.54 41.68
N MET C 130 20.68 -6.98 42.83
CA MET C 130 19.33 -6.44 43.02
C MET C 130 19.35 -5.12 43.78
N ASN C 131 18.49 -4.18 43.38
CA ASN C 131 18.38 -2.92 44.10
C ASN C 131 17.45 -3.20 45.28
N ILE C 132 17.36 -2.24 46.19
CA ILE C 132 16.49 -2.37 47.35
C ILE C 132 15.06 -2.49 46.84
N ALA C 133 14.33 -3.48 47.34
CA ALA C 133 12.94 -3.70 46.92
C ALA C 133 12.08 -2.50 47.30
N SER C 134 10.96 -2.35 46.60
CA SER C 134 10.02 -1.27 46.84
C SER C 134 8.64 -1.70 46.39
N GLY C 135 7.60 -1.27 47.09
CA GLY C 135 6.28 -1.68 46.69
C GLY C 135 5.12 -1.52 47.67
N CYS C 136 4.51 -2.65 48.02
CA CYS C 136 3.32 -2.64 48.86
C CYS C 136 3.37 -3.47 50.14
N PRO C 137 3.75 -2.85 51.26
CA PRO C 137 3.85 -3.50 52.57
C PRO C 137 2.47 -4.01 53.05
N LEU C 138 1.41 -3.29 52.67
CA LEU C 138 0.05 -3.64 53.08
C LEU C 138 -0.80 -4.00 51.85
N PHE C 139 -0.20 -4.75 50.94
CA PHE C 139 -0.87 -5.15 49.71
C PHE C 139 -2.21 -5.85 49.91
N CYS C 140 -2.24 -6.83 50.80
CA CYS C 140 -3.48 -7.57 51.02
C CYS C 140 -3.53 -8.21 52.40
N PRO C 141 -4.63 -7.96 53.14
CA PRO C 141 -4.78 -8.52 54.49
C PRO C 141 -4.79 -10.05 54.40
N VAL C 142 -4.03 -10.70 55.29
CA VAL C 142 -3.95 -12.16 55.30
C VAL C 142 -5.33 -12.80 55.30
N SER C 143 -6.30 -12.13 55.90
CA SER C 143 -7.65 -12.67 55.97
C SER C 143 -8.39 -12.60 54.64
N LYS C 144 -8.31 -11.47 53.94
CA LYS C 144 -9.01 -11.32 52.66
C LYS C 144 -8.67 -12.46 51.71
N MET C 145 -7.39 -12.76 51.57
CA MET C 145 -7.00 -13.87 50.71
C MET C 145 -6.83 -15.05 51.65
N GLU C 146 -5.73 -15.76 51.53
CA GLU C 146 -5.45 -16.92 52.39
C GLU C 146 -6.70 -17.62 52.91
N ALA C 147 -7.24 -17.12 54.02
CA ALA C 147 -8.43 -17.68 54.67
C ALA C 147 -9.28 -18.54 53.74
N LYS C 148 -9.73 -17.94 52.64
CA LYS C 148 -10.53 -18.65 51.66
C LYS C 148 -10.69 -17.73 50.47
N ASN C 149 -11.90 -17.23 50.29
CA ASN C 149 -12.18 -16.32 49.19
C ASN C 149 -11.82 -16.98 47.87
N SER C 150 -11.70 -16.17 46.82
CA SER C 150 -11.39 -16.68 45.50
C SER C 150 -9.94 -16.46 45.07
N TYR C 151 -9.08 -16.02 45.98
CA TYR C 151 -7.68 -15.78 45.64
C TYR C 151 -6.88 -17.07 45.64
N VAL C 152 -7.12 -17.88 46.66
CA VAL C 152 -6.45 -19.16 46.78
C VAL C 152 -7.37 -20.25 46.26
N ARG C 153 -6.92 -20.99 45.26
CA ARG C 153 -7.70 -22.08 44.72
C ARG C 153 -6.77 -23.23 44.38
N ASP C 154 -7.17 -24.42 44.81
CA ASP C 154 -6.38 -25.63 44.59
C ASP C 154 -4.95 -25.39 45.06
N ASP C 155 -4.85 -24.73 46.22
CA ASP C 155 -3.58 -24.44 46.86
C ASP C 155 -2.60 -23.64 45.99
N ALA C 156 -3.11 -22.63 45.31
CA ALA C 156 -2.26 -21.79 44.46
C ALA C 156 -2.86 -20.40 44.30
N ILE C 157 -1.99 -19.40 44.18
CA ILE C 157 -2.43 -18.04 43.96
C ILE C 157 -1.67 -17.52 42.76
N PHE C 158 -2.16 -16.45 42.16
CA PHE C 158 -1.50 -15.86 41.01
C PHE C 158 -1.28 -14.39 41.27
N ILE C 159 -0.03 -13.97 41.11
CA ILE C 159 0.36 -12.57 41.27
C ILE C 159 0.65 -12.07 39.85
N LYS C 160 0.20 -10.86 39.54
CA LYS C 160 0.45 -10.31 38.23
C LYS C 160 1.11 -8.94 38.31
N ALA C 161 2.09 -8.71 37.46
CA ALA C 161 2.79 -7.44 37.40
C ALA C 161 2.70 -6.86 36.00
N ILE C 162 2.46 -5.56 35.92
CA ILE C 162 2.36 -4.88 34.64
C ILE C 162 3.24 -3.63 34.68
N VAL C 163 4.33 -3.64 33.93
CA VAL C 163 5.24 -2.50 33.88
C VAL C 163 4.90 -1.64 32.67
N ASP C 164 4.41 -0.44 32.91
CA ASP C 164 4.04 0.46 31.82
C ASP C 164 5.25 0.74 30.93
N LEU C 165 5.06 0.62 29.61
CA LEU C 165 6.15 0.81 28.66
C LEU C 165 6.25 2.20 28.01
N THR C 166 5.49 3.16 28.53
CA THR C 166 5.51 4.52 27.98
C THR C 166 6.93 5.10 27.99
N GLY C 167 7.43 5.42 26.80
CA GLY C 167 8.76 5.98 26.71
C GLY C 167 9.81 4.98 26.25
N LEU C 168 9.43 3.70 26.24
CA LEU C 168 10.36 2.66 25.81
C LEU C 168 9.98 2.21 24.40
N ALA D 1 4.58 -1.93 -22.52
CA ALA D 1 3.18 -1.41 -22.54
C ALA D 1 3.05 -0.27 -21.53
N MET D 2 3.52 -0.50 -20.30
CA MET D 2 3.45 0.52 -19.26
C MET D 2 3.92 1.85 -19.80
N ALA D 3 5.10 1.84 -20.41
CA ALA D 3 5.69 3.05 -20.97
C ALA D 3 4.89 3.57 -22.17
N ASP D 4 4.43 2.65 -23.01
CA ASP D 4 3.66 3.03 -24.19
C ASP D 4 2.35 3.70 -23.78
N LEU D 5 1.81 3.28 -22.64
CA LEU D 5 0.57 3.85 -22.15
C LEU D 5 0.82 5.26 -21.63
N GLU D 6 1.92 5.42 -20.90
CA GLU D 6 2.28 6.73 -20.35
C GLU D 6 2.40 7.71 -21.50
N GLN D 7 2.92 7.25 -22.62
CA GLN D 7 3.09 8.09 -23.80
C GLN D 7 1.73 8.53 -24.35
N LYS D 8 0.81 7.59 -24.49
CA LYS D 8 -0.52 7.91 -25.00
C LYS D 8 -1.21 8.90 -24.08
N VAL D 9 -1.01 8.75 -22.78
CA VAL D 9 -1.62 9.63 -21.80
C VAL D 9 -1.09 11.05 -21.95
N LEU D 10 0.22 11.17 -22.14
CA LEU D 10 0.85 12.48 -22.31
C LEU D 10 0.43 13.14 -23.61
N GLU D 11 0.08 12.34 -24.61
CA GLU D 11 -0.36 12.89 -25.88
C GLU D 11 -1.76 13.42 -25.71
N MET D 12 -2.63 12.65 -25.08
CA MET D 12 -4.01 13.06 -24.87
C MET D 12 -4.08 14.33 -24.04
N GLU D 13 -3.21 14.41 -23.03
CA GLU D 13 -3.15 15.54 -22.13
C GLU D 13 -2.77 16.84 -22.84
N ALA D 14 -1.95 16.74 -23.88
CA ALA D 14 -1.51 17.92 -24.63
C ALA D 14 -2.34 18.21 -25.88
N SER D 15 -3.14 17.25 -26.33
CA SER D 15 -3.94 17.44 -27.54
C SER D 15 -4.98 18.56 -27.47
N THR D 16 -5.15 19.27 -28.57
CA THR D 16 -6.14 20.34 -28.64
C THR D 16 -6.90 20.08 -29.92
N TYR D 17 -8.15 20.56 -30.00
CA TYR D 17 -8.95 20.33 -31.20
C TYR D 17 -9.56 21.57 -31.82
N ASP D 18 -8.85 22.68 -31.77
CA ASP D 18 -9.36 23.90 -32.36
C ASP D 18 -8.34 24.57 -33.25
N GLY D 19 -7.26 23.87 -33.56
CA GLY D 19 -6.23 24.44 -34.43
C GLY D 19 -5.26 25.36 -33.72
N VAL D 20 -5.42 25.52 -32.41
CA VAL D 20 -4.52 26.37 -31.62
C VAL D 20 -3.75 25.51 -30.65
N PHE D 21 -2.43 25.61 -30.72
CA PHE D 21 -1.55 24.80 -29.89
C PHE D 21 -0.46 25.65 -29.25
N ILE D 22 -0.22 25.44 -27.96
CA ILE D 22 0.84 26.14 -27.25
C ILE D 22 1.78 25.06 -26.72
N TRP D 23 3.01 25.11 -27.19
CA TRP D 23 4.04 24.14 -26.84
C TRP D 23 5.06 24.72 -25.88
N LYS D 24 4.97 24.32 -24.63
CA LYS D 24 5.89 24.80 -23.60
C LYS D 24 7.11 23.90 -23.55
N ILE D 25 8.28 24.47 -23.79
CA ILE D 25 9.50 23.66 -23.73
C ILE D 25 10.30 24.02 -22.48
N SER D 26 10.28 23.10 -21.51
CA SER D 26 11.00 23.27 -20.26
C SER D 26 12.41 22.72 -20.40
N ASP D 27 13.27 22.99 -19.42
CA ASP D 27 14.63 22.51 -19.45
C ASP D 27 15.23 23.00 -20.77
N PHE D 28 15.09 24.30 -21.03
CA PHE D 28 15.59 24.91 -22.25
C PHE D 28 17.11 24.78 -22.40
N ALA D 29 17.83 25.31 -21.43
CA ALA D 29 19.29 25.28 -21.42
C ALA D 29 19.83 23.91 -21.81
N ARG D 30 19.41 22.88 -21.08
CA ARG D 30 19.87 21.52 -21.31
C ARG D 30 19.58 21.08 -22.75
N LYS D 31 18.33 21.18 -23.17
CA LYS D 31 17.94 20.80 -24.53
C LYS D 31 18.63 21.66 -25.58
N ARG D 32 18.98 22.88 -25.20
CA ARG D 32 19.64 23.80 -26.11
C ARG D 32 21.06 23.27 -26.38
N GLN D 33 21.71 22.78 -25.33
CA GLN D 33 23.05 22.24 -25.46
C GLN D 33 23.04 20.92 -26.22
N GLU D 34 22.06 20.08 -25.92
CA GLU D 34 21.93 18.79 -26.58
C GLU D 34 21.79 18.99 -28.09
N ALA D 35 21.31 20.17 -28.47
CA ALA D 35 21.11 20.51 -29.88
C ALA D 35 22.42 21.03 -30.46
N VAL D 36 23.12 21.85 -29.69
CA VAL D 36 24.39 22.40 -30.14
C VAL D 36 25.43 21.28 -30.25
N ALA D 37 25.37 20.36 -29.30
CA ALA D 37 26.30 19.25 -29.27
C ALA D 37 25.95 18.21 -30.34
N GLY D 38 24.84 18.44 -31.04
CA GLY D 38 24.43 17.51 -32.09
C GLY D 38 23.89 16.18 -31.59
N ARG D 39 23.69 16.08 -30.29
CA ARG D 39 23.17 14.86 -29.67
C ARG D 39 21.66 14.72 -29.92
N ILE D 40 20.94 15.83 -29.81
CA ILE D 40 19.50 15.85 -30.04
C ILE D 40 19.20 17.15 -30.79
N PRO D 41 19.37 17.14 -32.11
CA PRO D 41 19.16 18.28 -33.00
C PRO D 41 17.73 18.81 -33.03
N ALA D 42 16.77 17.90 -33.10
CA ALA D 42 15.36 18.30 -33.19
C ALA D 42 14.47 17.65 -32.15
N ILE D 43 13.29 18.24 -31.95
CA ILE D 43 12.31 17.73 -31.01
C ILE D 43 10.93 17.86 -31.63
N PHE D 44 10.12 16.81 -31.54
CA PHE D 44 8.76 16.85 -32.04
C PHE D 44 7.83 17.28 -30.91
N SER D 45 6.75 17.96 -31.24
CA SER D 45 5.79 18.38 -30.23
C SER D 45 4.66 17.36 -30.24
N PRO D 46 3.85 17.30 -29.19
CA PRO D 46 2.77 16.33 -29.25
C PRO D 46 1.83 16.79 -30.37
N ALA D 47 0.89 15.94 -30.76
CA ALA D 47 -0.05 16.29 -31.81
C ALA D 47 -1.22 17.15 -31.35
N PHE D 48 -1.87 17.81 -32.30
CA PHE D 48 -3.05 18.62 -32.04
C PHE D 48 -3.90 18.60 -33.32
N TYR D 49 -5.15 19.06 -33.26
CA TYR D 49 -6.02 18.98 -34.43
C TYR D 49 -6.82 20.24 -34.75
N THR D 50 -7.31 20.32 -35.98
CA THR D 50 -8.10 21.44 -36.44
C THR D 50 -9.54 21.39 -35.91
N SER D 51 -10.02 20.18 -35.64
CA SER D 51 -11.37 19.96 -35.10
C SER D 51 -11.39 18.59 -34.44
N ARG D 52 -12.47 18.27 -33.75
CA ARG D 52 -12.56 16.99 -33.06
C ARG D 52 -12.14 15.83 -33.96
N TYR D 53 -12.58 15.85 -35.21
CA TYR D 53 -12.23 14.81 -36.17
C TYR D 53 -11.51 15.38 -37.38
N GLY D 54 -10.66 16.38 -37.16
CA GLY D 54 -9.95 17.01 -38.28
C GLY D 54 -8.56 16.48 -38.54
N TYR D 55 -7.70 17.32 -39.14
CA TYR D 55 -6.33 16.93 -39.46
C TYR D 55 -5.47 16.76 -38.21
N LYS D 56 -4.54 15.82 -38.25
CA LYS D 56 -3.62 15.59 -37.14
C LYS D 56 -2.31 16.28 -37.51
N MET D 57 -1.75 17.03 -36.58
CA MET D 57 -0.53 17.80 -36.83
C MET D 57 0.40 17.87 -35.61
N CYS D 58 1.65 18.27 -35.84
CA CYS D 58 2.61 18.46 -34.76
C CYS D 58 3.69 19.39 -35.28
N LEU D 59 4.57 19.84 -34.39
CA LEU D 59 5.66 20.73 -34.78
C LEU D 59 7.01 20.07 -34.55
N ARG D 60 8.02 20.54 -35.26
CA ARG D 60 9.37 20.01 -35.11
C ARG D 60 10.29 21.21 -35.00
N ILE D 61 11.04 21.28 -33.91
CA ILE D 61 11.93 22.42 -33.70
C ILE D 61 13.41 22.04 -33.59
N TYR D 62 14.26 22.93 -34.07
CA TYR D 62 15.71 22.75 -33.99
C TYR D 62 16.22 23.93 -33.17
N LEU D 63 16.55 23.70 -31.92
CA LEU D 63 17.01 24.78 -31.05
C LEU D 63 18.34 25.40 -31.50
N ASN D 64 19.02 24.76 -32.43
CA ASN D 64 20.28 25.31 -32.95
C ASN D 64 20.25 25.34 -34.48
N GLY D 65 19.04 25.38 -35.03
CA GLY D 65 18.87 25.46 -36.47
C GLY D 65 18.96 24.24 -37.35
N ASP D 66 18.45 24.40 -38.56
CA ASP D 66 18.45 23.36 -39.57
C ASP D 66 18.46 24.04 -40.94
N GLY D 67 19.09 23.41 -41.91
CA GLY D 67 19.14 23.98 -43.25
C GLY D 67 19.84 25.33 -43.22
N THR D 68 19.27 26.29 -43.95
CA THR D 68 19.83 27.63 -44.04
C THR D 68 19.96 28.33 -42.70
N GLY D 69 19.45 27.70 -41.64
CA GLY D 69 19.53 28.30 -40.32
C GLY D 69 20.37 27.53 -39.32
N ARG D 70 20.98 26.44 -39.78
CA ARG D 70 21.81 25.61 -38.92
C ARG D 70 22.88 26.41 -38.18
N GLY D 71 22.94 26.22 -36.86
CA GLY D 71 23.92 26.90 -36.04
C GLY D 71 23.74 28.39 -35.86
N THR D 72 22.78 28.99 -36.56
CA THR D 72 22.57 30.44 -36.47
C THR D 72 21.14 30.86 -36.11
N HIS D 73 20.20 29.95 -36.32
CA HIS D 73 18.79 30.25 -36.04
C HIS D 73 18.05 29.10 -35.40
N LEU D 74 16.92 29.43 -34.78
CA LEU D 74 16.06 28.43 -34.19
C LEU D 74 15.19 28.11 -35.41
N SER D 75 15.02 26.83 -35.72
CA SER D 75 14.20 26.44 -36.86
C SER D 75 12.91 25.79 -36.38
N LEU D 76 11.79 26.27 -36.90
CA LEU D 76 10.49 25.74 -36.50
C LEU D 76 9.73 25.26 -37.73
N PHE D 77 9.29 24.00 -37.70
CA PHE D 77 8.55 23.44 -38.83
C PHE D 77 7.18 22.87 -38.44
N PHE D 78 6.30 22.80 -39.45
CA PHE D 78 4.94 22.29 -39.32
C PHE D 78 4.91 20.88 -39.91
N VAL D 79 4.15 19.98 -39.28
CA VAL D 79 4.07 18.61 -39.78
C VAL D 79 2.65 18.10 -39.88
N VAL D 80 2.31 17.59 -41.05
CA VAL D 80 0.99 17.02 -41.27
C VAL D 80 1.21 15.54 -41.01
N MET D 81 0.45 14.99 -40.07
CA MET D 81 0.57 13.58 -39.71
C MET D 81 -0.62 12.81 -40.23
N LYS D 82 -0.51 11.48 -40.22
CA LYS D 82 -1.62 10.65 -40.67
C LYS D 82 -2.67 10.71 -39.57
N GLY D 83 -3.87 11.16 -39.91
CA GLY D 83 -4.94 11.25 -38.93
C GLY D 83 -5.91 10.10 -39.04
N PRO D 84 -6.59 9.73 -37.94
CA PRO D 84 -7.55 8.63 -37.91
C PRO D 84 -8.75 8.86 -38.82
N ASN D 85 -8.99 10.12 -39.17
CA ASN D 85 -10.12 10.48 -40.02
C ASN D 85 -9.74 11.11 -41.35
N ASP D 86 -8.48 10.97 -41.76
CA ASP D 86 -8.04 11.56 -43.03
C ASP D 86 -8.95 11.26 -44.22
N ALA D 87 -9.55 10.07 -44.23
CA ALA D 87 -10.43 9.69 -45.32
C ALA D 87 -11.63 10.61 -45.45
N LEU D 88 -11.95 11.32 -44.38
CA LEU D 88 -13.08 12.23 -44.40
C LEU D 88 -12.65 13.66 -44.72
N LEU D 89 -11.33 13.88 -44.73
CA LEU D 89 -10.77 15.21 -44.99
C LEU D 89 -10.41 15.52 -46.44
N ARG D 90 -10.44 16.81 -46.78
CA ARG D 90 -10.08 17.26 -48.12
C ARG D 90 -8.56 17.34 -48.20
N TRP D 91 -8.01 16.93 -49.34
CA TRP D 91 -6.58 16.98 -49.55
C TRP D 91 -6.24 17.55 -50.94
N PRO D 92 -5.06 18.16 -51.08
CA PRO D 92 -4.03 18.34 -50.05
C PRO D 92 -4.42 19.33 -48.96
N PHE D 93 -3.67 19.30 -47.86
CA PHE D 93 -3.89 20.21 -46.73
C PHE D 93 -3.72 21.62 -47.31
N ASN D 94 -4.73 22.47 -47.15
CA ASN D 94 -4.67 23.83 -47.69
C ASN D 94 -5.09 24.88 -46.65
N GLN D 95 -4.56 24.73 -45.44
CA GLN D 95 -4.87 25.62 -44.33
C GLN D 95 -3.69 26.53 -43.98
N LYS D 96 -3.94 27.82 -43.79
CA LYS D 96 -2.86 28.74 -43.43
C LYS D 96 -2.35 28.41 -42.04
N VAL D 97 -1.03 28.47 -41.86
CA VAL D 97 -0.41 28.17 -40.58
C VAL D 97 0.41 29.35 -40.06
N THR D 98 0.17 29.73 -38.81
CA THR D 98 0.89 30.82 -38.15
C THR D 98 1.71 30.22 -37.01
N LEU D 99 2.99 30.57 -36.95
CA LEU D 99 3.90 30.06 -35.93
C LEU D 99 4.50 31.22 -35.15
N MET D 100 4.55 31.08 -33.83
CA MET D 100 5.08 32.14 -32.99
C MET D 100 5.99 31.65 -31.87
N LEU D 101 6.92 32.51 -31.52
CA LEU D 101 7.84 32.28 -30.41
C LEU D 101 7.32 33.38 -29.48
N LEU D 102 6.67 33.00 -28.41
CA LEU D 102 6.08 33.98 -27.51
C LEU D 102 7.03 34.71 -26.57
N ASP D 103 6.89 36.03 -26.54
CA ASP D 103 7.68 36.88 -25.66
C ASP D 103 6.97 36.85 -24.32
N GLN D 104 7.66 36.40 -23.27
CA GLN D 104 7.03 36.32 -21.96
C GLN D 104 6.88 37.65 -21.24
N ASN D 105 7.08 38.72 -21.99
CA ASN D 105 6.93 40.09 -21.51
C ASN D 105 5.88 40.69 -22.41
N ASN D 106 5.37 39.83 -23.30
CA ASN D 106 4.32 40.16 -24.25
C ASN D 106 4.51 41.54 -24.90
N ARG D 107 5.72 41.84 -25.32
CA ARG D 107 5.99 43.12 -25.95
C ARG D 107 6.35 42.94 -27.42
N GLU D 108 6.94 41.81 -27.77
CA GLU D 108 7.33 41.58 -29.16
C GLU D 108 7.48 40.10 -29.49
N HIS D 109 6.38 39.47 -29.89
CA HIS D 109 6.41 38.06 -30.25
C HIS D 109 7.02 37.87 -31.63
N VAL D 110 7.75 36.77 -31.81
CA VAL D 110 8.32 36.46 -33.10
C VAL D 110 7.20 35.74 -33.84
N ILE D 111 6.82 36.24 -35.01
CA ILE D 111 5.72 35.61 -35.75
C ILE D 111 5.99 35.47 -37.24
N ASP D 112 5.49 34.38 -37.81
CA ASP D 112 5.63 34.12 -39.23
C ASP D 112 4.43 33.26 -39.59
N ALA D 113 4.12 33.18 -40.88
CA ALA D 113 2.99 32.39 -41.33
C ALA D 113 3.17 32.02 -42.79
N PHE D 114 2.52 30.95 -43.22
CA PHE D 114 2.65 30.52 -44.60
C PHE D 114 1.41 29.78 -45.05
N ARG D 115 1.10 29.87 -46.34
CA ARG D 115 -0.02 29.16 -46.89
C ARG D 115 0.61 27.96 -47.58
N PRO D 116 0.14 26.75 -47.26
CA PRO D 116 0.69 25.53 -47.85
C PRO D 116 0.80 25.53 -49.36
N ASP D 117 1.90 25.00 -49.87
CA ASP D 117 2.10 24.89 -51.30
C ASP D 117 1.40 23.59 -51.71
N VAL D 118 0.21 23.73 -52.26
CA VAL D 118 -0.60 22.59 -52.70
C VAL D 118 0.16 21.50 -53.46
N THR D 119 1.21 21.88 -54.18
CA THR D 119 1.97 20.91 -54.97
C THR D 119 3.05 20.18 -54.19
N SER D 120 3.29 20.60 -52.95
CA SER D 120 4.32 19.98 -52.12
C SER D 120 3.86 18.67 -51.48
N SER D 121 4.76 17.70 -51.43
CA SER D 121 4.43 16.41 -50.82
C SER D 121 4.14 16.57 -49.33
N SER D 122 4.55 17.71 -48.77
CA SER D 122 4.34 17.97 -47.36
C SER D 122 2.87 18.11 -47.00
N PHE D 123 2.03 18.35 -48.00
CA PHE D 123 0.61 18.54 -47.74
C PHE D 123 -0.35 17.57 -48.41
N GLN D 124 0.19 16.48 -48.94
CA GLN D 124 -0.63 15.48 -49.59
C GLN D 124 -1.18 14.58 -48.49
N ARG D 125 -2.22 13.82 -48.79
CA ARG D 125 -2.75 12.93 -47.76
C ARG D 125 -1.61 12.01 -47.34
N PRO D 126 -1.32 11.94 -46.04
CA PRO D 126 -0.26 11.10 -45.49
C PRO D 126 -0.30 9.62 -45.85
N VAL D 127 0.89 9.07 -46.09
CA VAL D 127 1.06 7.66 -46.40
C VAL D 127 1.83 7.07 -45.23
N ASN D 128 2.77 7.86 -44.71
CA ASN D 128 3.57 7.46 -43.56
C ASN D 128 2.94 8.11 -42.33
N ASP D 129 3.54 7.89 -41.17
CA ASP D 129 3.01 8.48 -39.94
C ASP D 129 3.12 10.00 -40.05
N MET D 130 4.17 10.47 -40.70
CA MET D 130 4.37 11.92 -40.86
C MET D 130 4.84 12.29 -42.27
N ASN D 131 4.28 13.38 -42.81
CA ASN D 131 4.70 13.86 -44.11
C ASN D 131 5.98 14.63 -43.85
N ILE D 132 6.63 15.07 -44.91
CA ILE D 132 7.87 15.83 -44.77
C ILE D 132 7.52 17.19 -44.19
N ALA D 133 8.23 17.57 -43.12
CA ALA D 133 8.01 18.84 -42.45
C ALA D 133 8.36 20.03 -43.33
N SER D 134 7.76 21.18 -43.04
CA SER D 134 8.03 22.41 -43.77
C SER D 134 7.71 23.57 -42.85
N GLY D 135 8.35 24.71 -43.08
CA GLY D 135 8.08 25.85 -42.22
C GLY D 135 9.07 26.99 -42.24
N CYS D 136 9.81 27.16 -41.15
CA CYS D 136 10.73 28.29 -41.06
C CYS D 136 12.14 27.98 -40.61
N PRO D 137 13.05 27.76 -41.57
CA PRO D 137 14.45 27.45 -41.25
C PRO D 137 15.08 28.61 -40.47
N LEU D 138 14.66 29.82 -40.83
CA LEU D 138 15.17 31.04 -40.19
C LEU D 138 14.06 31.68 -39.37
N PHE D 139 13.44 30.92 -38.47
CA PHE D 139 12.37 31.47 -37.66
C PHE D 139 12.87 32.55 -36.70
N CYS D 140 13.87 32.21 -35.91
CA CYS D 140 14.42 33.17 -34.96
C CYS D 140 15.91 33.01 -34.71
N PRO D 141 16.69 34.09 -34.87
CA PRO D 141 18.13 34.03 -34.65
C PRO D 141 18.46 33.65 -33.20
N VAL D 142 19.41 32.73 -33.06
CA VAL D 142 19.83 32.25 -31.75
C VAL D 142 20.04 33.37 -30.73
N SER D 143 20.63 34.46 -31.19
CA SER D 143 20.91 35.59 -30.30
C SER D 143 19.66 36.26 -29.78
N LYS D 144 18.73 36.59 -30.68
CA LYS D 144 17.50 37.26 -30.29
C LYS D 144 16.83 36.54 -29.13
N MET D 145 16.61 35.23 -29.26
CA MET D 145 16.01 34.48 -28.17
C MET D 145 17.15 33.96 -27.30
N GLU D 146 17.06 32.71 -26.86
CA GLU D 146 18.10 32.10 -26.02
C GLU D 146 18.88 33.11 -25.17
N ALA D 147 19.92 33.70 -25.76
CA ALA D 147 20.78 34.68 -25.09
C ALA D 147 20.20 35.21 -23.79
N LYS D 148 19.04 35.85 -23.90
CA LYS D 148 18.37 36.41 -22.74
C LYS D 148 16.99 36.89 -23.19
N ASN D 149 16.86 38.19 -23.36
CA ASN D 149 15.61 38.78 -23.79
C ASN D 149 14.47 38.28 -22.91
N SER D 150 13.28 38.27 -23.48
CA SER D 150 12.10 37.87 -22.74
C SER D 150 11.42 36.62 -23.30
N TYR D 151 12.09 35.89 -24.18
CA TYR D 151 11.50 34.69 -24.74
C TYR D 151 11.76 33.51 -23.82
N VAL D 152 12.93 33.50 -23.20
CA VAL D 152 13.29 32.44 -22.27
C VAL D 152 13.13 33.00 -20.89
N ARG D 153 12.30 32.35 -20.08
CA ARG D 153 12.08 32.80 -18.71
C ARG D 153 11.94 31.55 -17.86
N ASP D 154 12.64 31.52 -16.74
CA ASP D 154 12.63 30.37 -15.84
C ASP D 154 12.97 29.09 -16.59
N ASP D 155 13.91 29.22 -17.53
CA ASP D 155 14.39 28.10 -18.31
C ASP D 155 13.32 27.40 -19.13
N ALA D 156 12.48 28.20 -19.79
CA ALA D 156 11.42 27.65 -20.61
C ALA D 156 10.97 28.65 -21.64
N ILE D 157 10.51 28.16 -22.79
CA ILE D 157 9.99 29.01 -23.84
C ILE D 157 8.64 28.47 -24.24
N PHE D 158 7.85 29.30 -24.92
CA PHE D 158 6.53 28.87 -25.39
C PHE D 158 6.42 29.08 -26.88
N ILE D 159 6.01 28.02 -27.58
CA ILE D 159 5.82 28.07 -29.01
C ILE D 159 4.31 28.00 -29.22
N LYS D 160 3.79 28.82 -30.12
CA LYS D 160 2.37 28.80 -30.39
C LYS D 160 2.12 28.62 -31.88
N ALA D 161 1.13 27.80 -32.21
CA ALA D 161 0.75 27.56 -33.60
C ALA D 161 -0.74 27.78 -33.77
N ILE D 162 -1.11 28.48 -34.82
CA ILE D 162 -2.50 28.75 -35.10
C ILE D 162 -2.80 28.35 -36.53
N VAL D 163 -3.62 27.32 -36.68
CA VAL D 163 -4.01 26.83 -38.00
C VAL D 163 -5.33 27.49 -38.33
N ASP D 164 -5.34 28.29 -39.39
CA ASP D 164 -6.57 28.97 -39.79
C ASP D 164 -7.60 27.91 -40.16
N LEU D 165 -8.85 28.12 -39.75
CA LEU D 165 -9.89 27.15 -40.01
C LEU D 165 -10.87 27.53 -41.12
N THR D 166 -10.51 28.48 -41.97
CA THR D 166 -11.42 28.88 -43.04
C THR D 166 -11.64 27.70 -43.99
N GLY D 167 -12.90 27.37 -44.23
CA GLY D 167 -13.22 26.27 -45.11
C GLY D 167 -13.44 24.94 -44.42
N LEU D 168 -13.24 24.90 -43.11
CA LEU D 168 -13.42 23.66 -42.36
C LEU D 168 -14.71 23.65 -41.56
N ALA E 1 -5.33 -4.17 -13.60
CA ALA E 1 -5.50 -2.69 -13.58
C ALA E 1 -4.82 -2.03 -14.78
N MET E 2 -3.65 -2.53 -15.15
CA MET E 2 -2.93 -1.98 -16.29
C MET E 2 -3.81 -2.06 -17.52
N ALA E 3 -4.44 -3.22 -17.71
CA ALA E 3 -5.34 -3.43 -18.85
C ALA E 3 -6.51 -2.48 -18.70
N ASP E 4 -7.02 -2.38 -17.47
CA ASP E 4 -8.15 -1.51 -17.17
C ASP E 4 -7.82 -0.05 -17.47
N LEU E 5 -6.63 0.39 -17.09
CA LEU E 5 -6.21 1.77 -17.32
C LEU E 5 -6.14 2.09 -18.82
N GLU E 6 -5.60 1.16 -19.59
CA GLU E 6 -5.50 1.37 -21.02
C GLU E 6 -6.90 1.55 -21.61
N GLN E 7 -7.85 0.74 -21.16
CA GLN E 7 -9.22 0.83 -21.65
C GLN E 7 -9.84 2.18 -21.28
N LYS E 8 -9.61 2.63 -20.05
CA LYS E 8 -10.14 3.91 -19.59
C LYS E 8 -9.61 5.02 -20.51
N VAL E 9 -8.32 4.93 -20.82
CA VAL E 9 -7.68 5.92 -21.67
C VAL E 9 -8.30 5.96 -23.07
N LEU E 10 -8.52 4.80 -23.68
CA LEU E 10 -9.12 4.76 -25.01
C LEU E 10 -10.55 5.27 -25.01
N GLU E 11 -11.27 5.07 -23.92
CA GLU E 11 -12.65 5.56 -23.84
C GLU E 11 -12.61 7.08 -23.79
N MET E 12 -11.71 7.61 -22.97
CA MET E 12 -11.55 9.06 -22.81
C MET E 12 -11.18 9.72 -24.14
N GLU E 13 -10.26 9.09 -24.86
CA GLU E 13 -9.79 9.59 -26.14
C GLU E 13 -10.90 9.67 -27.19
N ALA E 14 -11.90 8.81 -27.06
CA ALA E 14 -13.00 8.79 -28.02
C ALA E 14 -14.19 9.67 -27.65
N SER E 15 -14.33 9.99 -26.37
CA SER E 15 -15.47 10.78 -25.91
C SER E 15 -15.56 12.20 -26.49
N THR E 16 -16.79 12.66 -26.72
CA THR E 16 -17.03 14.00 -27.20
C THR E 16 -18.15 14.49 -26.29
N TYR E 17 -18.32 15.79 -26.17
CA TYR E 17 -19.36 16.30 -25.28
C TYR E 17 -20.29 17.32 -25.89
N ASP E 18 -20.63 17.15 -27.16
CA ASP E 18 -21.55 18.08 -27.82
C ASP E 18 -22.64 17.38 -28.61
N GLY E 19 -22.88 16.10 -28.29
CA GLY E 19 -23.93 15.37 -28.97
C GLY E 19 -23.58 14.88 -30.36
N VAL E 20 -22.36 15.14 -30.82
CA VAL E 20 -21.93 14.70 -32.13
C VAL E 20 -20.81 13.67 -31.95
N PHE E 21 -21.00 12.52 -32.56
CA PHE E 21 -20.02 11.45 -32.43
C PHE E 21 -19.79 10.77 -33.78
N ILE E 22 -18.52 10.55 -34.11
CA ILE E 22 -18.15 9.86 -35.34
C ILE E 22 -17.43 8.60 -34.89
N TRP E 23 -17.99 7.45 -35.28
CA TRP E 23 -17.44 6.16 -34.92
C TRP E 23 -16.79 5.49 -36.11
N LYS E 24 -15.48 5.35 -36.05
CA LYS E 24 -14.72 4.72 -37.11
C LYS E 24 -14.54 3.25 -36.77
N ILE E 25 -15.12 2.38 -37.59
CA ILE E 25 -14.99 0.94 -37.36
C ILE E 25 -13.98 0.36 -38.33
N SER E 26 -12.77 0.15 -37.82
CA SER E 26 -11.66 -0.40 -38.60
C SER E 26 -11.76 -1.92 -38.66
N ASP E 27 -10.93 -2.55 -39.50
CA ASP E 27 -10.94 -4.01 -39.66
C ASP E 27 -12.36 -4.46 -39.94
N PHE E 28 -13.05 -3.70 -40.80
CA PHE E 28 -14.43 -3.99 -41.15
C PHE E 28 -14.63 -5.43 -41.64
N ALA E 29 -13.85 -5.86 -42.63
CA ALA E 29 -14.00 -7.21 -43.16
C ALA E 29 -13.99 -8.24 -42.04
N ARG E 30 -12.90 -8.28 -41.28
CA ARG E 30 -12.75 -9.22 -40.18
C ARG E 30 -13.96 -9.21 -39.23
N LYS E 31 -14.32 -8.03 -38.74
CA LYS E 31 -15.45 -7.90 -37.83
C LYS E 31 -16.76 -8.27 -38.50
N ARG E 32 -16.84 -7.98 -39.79
CA ARG E 32 -18.05 -8.26 -40.55
C ARG E 32 -18.27 -9.78 -40.58
N GLN E 33 -17.18 -10.52 -40.77
CA GLN E 33 -17.25 -11.97 -40.80
C GLN E 33 -17.48 -12.58 -39.43
N GLU E 34 -17.08 -11.87 -38.38
CA GLU E 34 -17.29 -12.36 -37.03
C GLU E 34 -18.77 -12.20 -36.72
N ALA E 35 -19.43 -11.34 -37.48
CA ALA E 35 -20.86 -11.09 -37.31
C ALA E 35 -21.69 -12.11 -38.08
N VAL E 36 -21.28 -12.38 -39.31
CA VAL E 36 -22.00 -13.36 -40.12
C VAL E 36 -21.82 -14.73 -39.48
N ALA E 37 -20.60 -14.99 -39.02
CA ALA E 37 -20.28 -16.27 -38.39
C ALA E 37 -20.95 -16.44 -37.03
N GLY E 38 -21.62 -15.39 -36.57
CA GLY E 38 -22.30 -15.45 -35.28
C GLY E 38 -21.39 -15.37 -34.07
N ARG E 39 -20.09 -15.22 -34.33
CA ARG E 39 -19.08 -15.12 -33.25
C ARG E 39 -19.28 -13.85 -32.41
N ILE E 40 -19.37 -12.71 -33.08
CA ILE E 40 -19.55 -11.43 -32.41
C ILE E 40 -20.55 -10.63 -33.26
N PRO E 41 -21.84 -10.88 -33.06
CA PRO E 41 -22.98 -10.27 -33.74
C PRO E 41 -23.18 -8.76 -33.59
N ALA E 42 -22.79 -8.20 -32.45
CA ALA E 42 -22.96 -6.76 -32.25
C ALA E 42 -21.75 -6.17 -31.56
N ILE E 43 -21.57 -4.86 -31.74
CA ILE E 43 -20.45 -4.16 -31.13
C ILE E 43 -20.92 -2.82 -30.56
N PHE E 44 -20.43 -2.46 -29.37
CA PHE E 44 -20.76 -1.18 -28.76
C PHE E 44 -19.68 -0.15 -29.11
N SER E 45 -20.07 1.11 -29.22
CA SER E 45 -19.11 2.17 -29.52
C SER E 45 -18.73 2.79 -28.18
N PRO E 46 -17.65 3.59 -28.16
CA PRO E 46 -17.26 4.23 -26.90
C PRO E 46 -18.40 5.19 -26.54
N ALA E 47 -18.39 5.69 -25.32
CA ALA E 47 -19.44 6.61 -24.89
C ALA E 47 -19.20 8.05 -25.32
N PHE E 48 -20.29 8.81 -25.44
CA PHE E 48 -20.20 10.22 -25.78
C PHE E 48 -21.33 10.93 -25.04
N TYR E 49 -21.26 12.25 -24.95
CA TYR E 49 -22.26 12.99 -24.17
C TYR E 49 -22.91 14.18 -24.87
N THR E 50 -24.04 14.63 -24.31
CA THR E 50 -24.76 15.78 -24.86
C THR E 50 -24.13 17.12 -24.45
N SER E 51 -23.39 17.10 -23.34
CA SER E 51 -22.68 18.28 -22.82
C SER E 51 -21.63 17.75 -21.85
N ARG E 52 -20.79 18.63 -21.31
CA ARG E 52 -19.73 18.19 -20.42
C ARG E 52 -20.24 17.32 -19.28
N TYR E 53 -21.44 17.62 -18.80
CA TYR E 53 -22.07 16.85 -17.73
C TYR E 53 -23.47 16.43 -18.13
N GLY E 54 -23.65 16.04 -19.40
CA GLY E 54 -24.96 15.63 -19.87
C GLY E 54 -25.19 14.13 -19.91
N TYR E 55 -26.18 13.72 -20.70
CA TYR E 55 -26.49 12.30 -20.83
C TYR E 55 -25.29 11.54 -21.40
N LYS E 56 -25.07 10.33 -20.90
CA LYS E 56 -24.00 9.48 -21.38
C LYS E 56 -24.68 8.50 -22.33
N MET E 57 -24.15 8.40 -23.54
CA MET E 57 -24.76 7.55 -24.56
C MET E 57 -23.71 6.81 -25.39
N CYS E 58 -24.14 5.79 -26.12
CA CYS E 58 -23.25 5.05 -27.02
C CYS E 58 -24.12 4.41 -28.12
N LEU E 59 -23.46 3.80 -29.09
CA LEU E 59 -24.18 3.16 -30.19
C LEU E 59 -23.93 1.66 -30.18
N ARG E 60 -24.86 0.91 -30.75
CA ARG E 60 -24.72 -0.54 -30.85
C ARG E 60 -25.06 -0.92 -32.28
N ILE E 61 -24.15 -1.61 -32.94
CA ILE E 61 -24.35 -1.98 -34.31
C ILE E 61 -24.25 -3.49 -34.56
N TYR E 62 -25.07 -3.98 -35.48
CA TYR E 62 -25.05 -5.39 -35.86
C TYR E 62 -24.61 -5.33 -37.31
N LEU E 63 -23.38 -5.74 -37.57
CA LEU E 63 -22.85 -5.69 -38.92
C LEU E 63 -23.60 -6.65 -39.86
N ASN E 64 -24.26 -7.65 -39.29
CA ASN E 64 -25.00 -8.59 -40.10
C ASN E 64 -26.47 -8.57 -39.72
N GLY E 65 -26.88 -7.46 -39.12
CA GLY E 65 -28.27 -7.29 -38.74
C GLY E 65 -28.76 -7.98 -37.49
N ASP E 66 -29.92 -7.51 -37.04
CA ASP E 66 -30.61 -8.03 -35.87
C ASP E 66 -32.10 -7.87 -36.09
N GLY E 67 -32.86 -8.72 -35.42
CA GLY E 67 -34.31 -8.65 -35.54
C GLY E 67 -34.72 -8.83 -36.98
N THR E 68 -35.52 -7.90 -37.47
CA THR E 68 -36.00 -7.97 -38.84
C THR E 68 -34.91 -7.71 -39.88
N GLY E 69 -33.73 -7.29 -39.43
CA GLY E 69 -32.66 -7.02 -40.37
C GLY E 69 -31.57 -8.09 -40.33
N ARG E 70 -31.76 -9.09 -39.48
CA ARG E 70 -30.79 -10.16 -39.36
C ARG E 70 -30.49 -10.80 -40.70
N GLY E 71 -29.20 -10.93 -41.01
CA GLY E 71 -28.79 -11.54 -42.25
C GLY E 71 -28.98 -10.72 -43.51
N THR E 72 -29.78 -9.66 -43.45
CA THR E 72 -30.01 -8.83 -44.64
C THR E 72 -29.55 -7.39 -44.49
N HIS E 73 -29.58 -6.86 -43.27
CA HIS E 73 -29.17 -5.48 -43.05
C HIS E 73 -28.15 -5.26 -41.96
N LEU E 74 -27.72 -4.01 -41.89
CA LEU E 74 -26.77 -3.54 -40.90
C LEU E 74 -27.74 -2.88 -39.93
N SER E 75 -27.80 -3.36 -38.70
CA SER E 75 -28.69 -2.80 -37.69
C SER E 75 -27.89 -1.89 -36.78
N LEU E 76 -28.35 -0.64 -36.64
CA LEU E 76 -27.66 0.35 -35.81
C LEU E 76 -28.61 0.86 -34.76
N PHE E 77 -28.20 0.84 -33.49
CA PHE E 77 -29.06 1.32 -32.43
C PHE E 77 -28.41 2.37 -31.52
N PHE E 78 -29.26 3.07 -30.77
CA PHE E 78 -28.87 4.13 -29.84
C PHE E 78 -29.00 3.57 -28.42
N VAL E 79 -28.03 3.89 -27.56
CA VAL E 79 -28.05 3.39 -26.20
C VAL E 79 -27.89 4.49 -25.15
N VAL E 80 -28.85 4.57 -24.22
CA VAL E 80 -28.76 5.54 -23.13
C VAL E 80 -28.05 4.81 -22.00
N MET E 81 -26.92 5.34 -21.56
CA MET E 81 -26.15 4.70 -20.51
C MET E 81 -26.29 5.44 -19.19
N LYS E 82 -25.96 4.75 -18.10
CA LYS E 82 -26.03 5.40 -16.80
C LYS E 82 -24.88 6.41 -16.73
N GLY E 83 -25.23 7.69 -16.60
CA GLY E 83 -24.23 8.73 -16.53
C GLY E 83 -23.97 9.20 -15.11
N PRO E 84 -22.77 9.75 -14.84
CA PRO E 84 -22.41 10.23 -13.51
C PRO E 84 -23.28 11.38 -13.01
N ASN E 85 -23.97 12.05 -13.94
CA ASN E 85 -24.81 13.18 -13.56
C ASN E 85 -26.29 12.98 -13.87
N ASP E 86 -26.72 11.73 -14.02
CA ASP E 86 -28.13 11.49 -14.34
C ASP E 86 -29.11 12.18 -13.39
N ALA E 87 -28.74 12.28 -12.11
CA ALA E 87 -29.64 12.92 -11.14
C ALA E 87 -29.94 14.38 -11.46
N LEU E 88 -29.04 15.04 -12.19
CA LEU E 88 -29.24 16.44 -12.53
C LEU E 88 -29.99 16.60 -13.86
N LEU E 89 -30.21 15.48 -14.54
CA LEU E 89 -30.88 15.48 -15.84
C LEU E 89 -32.37 15.21 -15.80
N ARG E 90 -33.07 15.66 -16.84
CA ARG E 90 -34.50 15.44 -16.94
C ARG E 90 -34.74 14.06 -17.55
N TRP E 91 -35.76 13.37 -17.05
CA TRP E 91 -36.08 12.05 -17.57
C TRP E 91 -37.58 11.93 -17.81
N PRO E 92 -37.99 11.12 -18.82
CA PRO E 92 -37.15 10.32 -19.71
C PRO E 92 -36.34 11.13 -20.73
N PHE E 93 -35.38 10.45 -21.35
CA PHE E 93 -34.56 11.06 -22.38
C PHE E 93 -35.53 11.41 -23.52
N ASN E 94 -35.47 12.64 -24.01
CA ASN E 94 -36.38 13.05 -25.07
C ASN E 94 -35.74 13.91 -26.15
N GLN E 95 -34.56 13.51 -26.63
CA GLN E 95 -33.89 14.27 -27.68
C GLN E 95 -33.96 13.54 -29.03
N LYS E 96 -34.12 14.29 -30.11
CA LYS E 96 -34.14 13.67 -31.42
C LYS E 96 -32.73 13.13 -31.67
N VAL E 97 -32.66 11.96 -32.29
CA VAL E 97 -31.38 11.35 -32.60
C VAL E 97 -31.27 11.07 -34.09
N THR E 98 -30.15 11.47 -34.69
CA THR E 98 -29.91 11.26 -36.10
C THR E 98 -28.74 10.29 -36.22
N LEU E 99 -28.88 9.31 -37.10
CA LEU E 99 -27.85 8.30 -37.32
C LEU E 99 -27.47 8.28 -38.80
N MET E 100 -26.17 8.19 -39.09
CA MET E 100 -25.72 8.19 -40.48
C MET E 100 -24.60 7.20 -40.75
N LEU E 101 -24.57 6.67 -41.97
CA LEU E 101 -23.49 5.79 -42.43
C LEU E 101 -22.84 6.74 -43.43
N LEU E 102 -21.60 7.15 -43.18
CA LEU E 102 -20.97 8.10 -44.07
C LEU E 102 -20.36 7.57 -45.36
N ASP E 103 -20.70 8.24 -46.47
CA ASP E 103 -20.14 7.90 -47.76
C ASP E 103 -18.76 8.52 -47.78
N GLN E 104 -17.74 7.71 -48.06
CA GLN E 104 -16.40 8.23 -48.11
C GLN E 104 -16.12 8.87 -49.48
N ASN E 105 -17.20 9.33 -50.11
CA ASN E 105 -17.19 10.02 -51.39
C ASN E 105 -18.23 11.14 -51.30
N ASN E 106 -18.72 11.34 -50.08
CA ASN E 106 -19.73 12.35 -49.76
C ASN E 106 -20.76 12.54 -50.87
N ARG E 107 -21.12 11.45 -51.54
CA ARG E 107 -22.10 11.52 -52.62
C ARG E 107 -23.50 11.18 -52.11
N GLU E 108 -23.58 10.53 -50.96
CA GLU E 108 -24.86 10.15 -50.38
C GLU E 108 -24.69 9.34 -49.10
N HIS E 109 -24.87 9.98 -47.96
CA HIS E 109 -24.76 9.31 -46.68
C HIS E 109 -26.10 8.66 -46.41
N VAL E 110 -26.08 7.55 -45.68
CA VAL E 110 -27.30 6.88 -45.31
C VAL E 110 -27.73 7.61 -44.04
N ILE E 111 -28.91 8.21 -44.06
CA ILE E 111 -29.37 8.95 -42.90
C ILE E 111 -30.77 8.55 -42.47
N ASP E 112 -31.02 8.63 -41.17
CA ASP E 112 -32.32 8.31 -40.60
C ASP E 112 -32.36 9.00 -39.24
N ALA E 113 -33.54 9.11 -38.67
CA ALA E 113 -33.68 9.75 -37.37
C ALA E 113 -34.91 9.23 -36.65
N PHE E 114 -34.98 9.49 -35.35
CA PHE E 114 -36.14 9.05 -34.57
C PHE E 114 -36.34 9.90 -33.32
N ARG E 115 -37.59 9.99 -32.89
CA ARG E 115 -37.97 10.72 -31.68
C ARG E 115 -38.07 9.64 -30.62
N PRO E 116 -37.40 9.83 -29.47
CA PRO E 116 -37.50 8.79 -28.45
C PRO E 116 -38.95 8.54 -28.01
N ASP E 117 -39.28 7.29 -27.73
CA ASP E 117 -40.61 6.94 -27.27
C ASP E 117 -40.58 7.07 -25.74
N VAL E 118 -41.08 8.20 -25.25
CA VAL E 118 -41.12 8.49 -23.82
C VAL E 118 -41.57 7.37 -22.89
N THR E 119 -42.48 6.52 -23.36
CA THR E 119 -42.98 5.45 -22.53
C THR E 119 -42.09 4.21 -22.56
N SER E 120 -41.03 4.25 -23.36
CA SER E 120 -40.13 3.10 -23.45
C SER E 120 -39.12 3.04 -22.30
N SER E 121 -38.74 1.83 -21.93
CA SER E 121 -37.79 1.63 -20.84
C SER E 121 -36.37 1.92 -21.30
N SER E 122 -36.22 2.24 -22.57
CA SER E 122 -34.90 2.52 -23.11
C SER E 122 -34.56 4.00 -22.90
N PHE E 123 -35.57 4.80 -22.52
CA PHE E 123 -35.32 6.22 -22.31
C PHE E 123 -35.59 6.72 -20.88
N GLN E 124 -35.77 5.79 -19.95
CA GLN E 124 -36.01 6.15 -18.54
C GLN E 124 -34.66 6.33 -17.87
N ARG E 125 -34.64 6.96 -16.69
CA ARG E 125 -33.37 7.13 -16.01
C ARG E 125 -32.81 5.72 -15.81
N PRO E 126 -31.59 5.47 -16.31
CA PRO E 126 -30.94 4.17 -16.20
C PRO E 126 -30.78 3.61 -14.78
N VAL E 127 -31.09 2.33 -14.64
CA VAL E 127 -30.94 1.63 -13.37
C VAL E 127 -29.70 0.77 -13.51
N ASN E 128 -29.50 0.25 -14.71
CA ASN E 128 -28.36 -0.58 -15.03
C ASN E 128 -27.33 0.25 -15.80
N ASP E 129 -26.18 -0.34 -16.09
CA ASP E 129 -25.12 0.37 -16.81
C ASP E 129 -25.65 0.91 -18.13
N MET E 130 -26.59 0.19 -18.76
CA MET E 130 -27.17 0.61 -20.03
C MET E 130 -28.64 0.22 -20.13
N ASN E 131 -29.43 1.05 -20.81
CA ASN E 131 -30.83 0.72 -21.02
C ASN E 131 -30.88 -0.16 -22.28
N ILE E 132 -32.06 -0.69 -22.57
CA ILE E 132 -32.21 -1.53 -23.75
C ILE E 132 -32.08 -0.59 -24.95
N ALA E 133 -31.28 -0.98 -25.94
CA ALA E 133 -31.07 -0.17 -27.13
C ALA E 133 -32.30 -0.08 -28.02
N SER E 134 -32.38 1.00 -28.79
CA SER E 134 -33.47 1.21 -29.74
C SER E 134 -32.85 2.00 -30.89
N GLY E 135 -33.42 1.91 -32.08
CA GLY E 135 -32.86 2.63 -33.20
C GLY E 135 -33.38 2.22 -34.57
N CYS E 136 -32.52 1.62 -35.39
CA CYS E 136 -32.87 1.22 -36.75
C CYS E 136 -32.43 -0.20 -37.11
N PRO E 137 -33.36 -1.17 -37.07
CA PRO E 137 -33.10 -2.57 -37.38
C PRO E 137 -32.71 -2.77 -38.85
N LEU E 138 -33.31 -1.96 -39.71
CA LEU E 138 -33.06 -2.02 -41.15
C LEU E 138 -32.40 -0.72 -41.60
N PHE E 139 -31.31 -0.36 -40.93
CA PHE E 139 -30.59 0.87 -41.23
C PHE E 139 -29.98 0.91 -42.63
N CYS E 140 -29.17 -0.09 -42.96
CA CYS E 140 -28.54 -0.13 -44.26
C CYS E 140 -28.33 -1.54 -44.79
N PRO E 141 -28.78 -1.80 -46.03
CA PRO E 141 -28.64 -3.10 -46.68
C PRO E 141 -27.19 -3.56 -46.75
N VAL E 142 -26.96 -4.81 -46.37
CA VAL E 142 -25.63 -5.39 -46.39
C VAL E 142 -24.99 -5.18 -47.76
N SER E 143 -25.84 -5.08 -48.78
CA SER E 143 -25.36 -4.90 -50.15
C SER E 143 -24.99 -3.45 -50.44
N LYS E 144 -25.91 -2.52 -50.18
CA LYS E 144 -25.66 -1.11 -50.44
C LYS E 144 -24.26 -0.72 -49.99
N MET E 145 -23.89 -1.12 -48.78
CA MET E 145 -22.56 -0.81 -48.29
C MET E 145 -21.76 -2.09 -48.46
N GLU E 146 -20.95 -2.45 -47.46
CA GLU E 146 -20.16 -3.67 -47.52
C GLU E 146 -19.63 -3.99 -48.91
N ALA E 147 -20.43 -4.72 -49.69
CA ALA E 147 -20.07 -5.14 -51.05
C ALA E 147 -18.95 -4.32 -51.66
N LYS E 148 -19.17 -3.01 -51.71
CA LYS E 148 -18.18 -2.09 -52.24
C LYS E 148 -18.71 -0.69 -52.06
N ASN E 149 -19.18 -0.09 -53.15
CA ASN E 149 -19.70 1.27 -53.09
C ASN E 149 -18.65 2.14 -52.43
N SER E 150 -19.07 3.24 -51.80
CA SER E 150 -18.13 4.14 -51.17
C SER E 150 -18.20 4.22 -49.65
N TYR E 151 -19.03 3.41 -49.02
CA TYR E 151 -19.14 3.45 -47.56
C TYR E 151 -17.95 2.75 -46.93
N VAL E 152 -17.53 1.66 -47.53
CA VAL E 152 -16.38 0.93 -47.04
C VAL E 152 -15.20 1.36 -47.90
N ARG E 153 -14.10 1.74 -47.24
CA ARG E 153 -12.90 2.16 -47.94
C ARG E 153 -11.73 1.88 -47.01
N ASP E 154 -10.68 1.28 -47.56
CA ASP E 154 -9.50 0.93 -46.77
C ASP E 154 -9.89 0.09 -45.57
N ASP E 155 -10.89 -0.76 -45.78
CA ASP E 155 -11.39 -1.67 -44.76
C ASP E 155 -11.82 -0.96 -43.49
N ALA E 156 -12.65 0.07 -43.67
CA ALA E 156 -13.16 0.85 -42.54
C ALA E 156 -14.40 1.64 -42.95
N ILE E 157 -15.30 1.86 -42.00
CA ILE E 157 -16.51 2.63 -42.24
C ILE E 157 -16.64 3.65 -41.12
N PHE E 158 -17.46 4.68 -41.33
CA PHE E 158 -17.66 5.71 -40.32
C PHE E 158 -19.13 5.90 -40.04
N ILE E 159 -19.52 5.74 -38.79
CA ILE E 159 -20.90 5.93 -38.38
C ILE E 159 -20.92 7.26 -37.66
N LYS E 160 -21.97 8.04 -37.87
CA LYS E 160 -22.07 9.33 -37.22
C LYS E 160 -23.41 9.50 -36.54
N ALA E 161 -23.38 9.98 -35.31
CA ALA E 161 -24.58 10.22 -34.53
C ALA E 161 -24.66 11.68 -34.15
N ILE E 162 -25.86 12.24 -34.26
CA ILE E 162 -26.11 13.62 -33.94
C ILE E 162 -27.32 13.70 -33.00
N VAL E 163 -27.06 14.01 -31.74
CA VAL E 163 -28.16 14.13 -30.80
C VAL E 163 -28.59 15.59 -30.73
N ASP E 164 -29.83 15.84 -31.14
CA ASP E 164 -30.36 17.19 -31.12
C ASP E 164 -30.33 17.69 -29.65
N LEU E 165 -29.88 18.93 -29.46
CA LEU E 165 -29.76 19.47 -28.12
C LEU E 165 -30.85 20.46 -27.69
N THR E 166 -31.95 20.48 -28.42
CA THR E 166 -33.07 21.38 -28.11
C THR E 166 -33.56 21.19 -26.68
N GLY E 167 -33.58 22.27 -25.92
CA GLY E 167 -34.03 22.20 -24.54
C GLY E 167 -32.92 21.87 -23.55
N LEU E 168 -31.71 21.67 -24.06
CA LEU E 168 -30.58 21.34 -23.20
C LEU E 168 -29.56 22.48 -23.21
N ALA F 1 4.65 4.44 -9.30
CA ALA F 1 4.44 4.95 -10.68
C ALA F 1 3.04 4.58 -11.17
N MET F 2 2.69 3.31 -10.99
CA MET F 2 1.38 2.83 -11.41
C MET F 2 0.30 3.69 -10.76
N ALA F 3 0.39 3.86 -9.45
CA ALA F 3 -0.57 4.67 -8.71
C ALA F 3 -0.53 6.10 -9.25
N ASP F 4 0.68 6.59 -9.50
CA ASP F 4 0.87 7.94 -10.01
C ASP F 4 0.20 8.13 -11.37
N LEU F 5 0.35 7.14 -12.24
CA LEU F 5 -0.24 7.20 -13.58
C LEU F 5 -1.76 7.08 -13.56
N GLU F 6 -2.28 6.33 -12.60
CA GLU F 6 -3.73 6.17 -12.48
C GLU F 6 -4.31 7.49 -11.99
N GLN F 7 -3.54 8.21 -11.18
CA GLN F 7 -3.99 9.49 -10.65
C GLN F 7 -4.06 10.51 -11.78
N LYS F 8 -3.03 10.53 -12.62
CA LYS F 8 -2.97 11.47 -13.74
C LYS F 8 -4.18 11.30 -14.66
N VAL F 9 -4.48 10.07 -15.03
CA VAL F 9 -5.62 9.79 -15.90
C VAL F 9 -6.91 10.20 -15.21
N LEU F 10 -6.94 10.00 -13.90
CA LEU F 10 -8.11 10.34 -13.10
C LEU F 10 -8.33 11.86 -13.13
N GLU F 11 -7.23 12.60 -13.09
CA GLU F 11 -7.28 14.07 -13.11
C GLU F 11 -7.71 14.56 -14.48
N MET F 12 -7.08 14.00 -15.52
CA MET F 12 -7.39 14.39 -16.88
C MET F 12 -8.86 14.15 -17.16
N GLU F 13 -9.36 13.03 -16.69
CA GLU F 13 -10.75 12.66 -16.89
C GLU F 13 -11.73 13.67 -16.32
N ALA F 14 -11.35 14.32 -15.22
CA ALA F 14 -12.23 15.29 -14.57
C ALA F 14 -12.04 16.73 -15.00
N SER F 15 -10.90 17.04 -15.59
CA SER F 15 -10.62 18.40 -16.00
C SER F 15 -11.58 18.96 -17.04
N THR F 16 -11.79 20.26 -17.02
CA THR F 16 -12.64 20.95 -17.99
C THR F 16 -11.85 22.19 -18.37
N TYR F 17 -12.12 22.77 -19.53
CA TYR F 17 -11.38 23.96 -19.94
C TYR F 17 -12.22 25.14 -20.37
N ASP F 18 -13.38 25.32 -19.72
CA ASP F 18 -14.23 26.45 -20.05
C ASP F 18 -14.72 27.17 -18.80
N GLY F 19 -14.02 26.98 -17.69
CA GLY F 19 -14.38 27.64 -16.45
C GLY F 19 -15.61 27.08 -15.71
N VAL F 20 -16.21 26.02 -16.24
CA VAL F 20 -17.37 25.43 -15.58
C VAL F 20 -16.99 24.07 -15.04
N PHE F 21 -17.25 23.86 -13.76
CA PHE F 21 -16.89 22.60 -13.15
C PHE F 21 -18.01 22.08 -12.26
N ILE F 22 -18.33 20.80 -12.39
CA ILE F 22 -19.35 20.19 -11.54
C ILE F 22 -18.64 19.06 -10.80
N TRP F 23 -18.67 19.17 -9.48
CA TRP F 23 -18.01 18.22 -8.60
C TRP F 23 -19.01 17.34 -7.87
N LYS F 24 -18.99 16.06 -8.19
CA LYS F 24 -19.88 15.11 -7.55
C LYS F 24 -19.14 14.47 -6.39
N ILE F 25 -19.71 14.58 -5.20
CA ILE F 25 -19.10 13.99 -4.03
C ILE F 25 -20.01 12.87 -3.55
N SER F 26 -19.57 11.64 -3.78
CA SER F 26 -20.33 10.45 -3.37
C SER F 26 -19.95 10.02 -1.97
N ASP F 27 -20.69 9.07 -1.41
CA ASP F 27 -20.40 8.57 -0.07
C ASP F 27 -20.41 9.76 0.88
N PHE F 28 -21.38 10.65 0.67
CA PHE F 28 -21.53 11.86 1.48
C PHE F 28 -21.57 11.62 2.99
N ALA F 29 -22.47 10.74 3.44
CA ALA F 29 -22.60 10.47 4.86
C ALA F 29 -21.27 10.12 5.51
N ARG F 30 -20.53 9.20 4.90
CA ARG F 30 -19.24 8.77 5.42
C ARG F 30 -18.23 9.93 5.47
N LYS F 31 -18.04 10.59 4.34
CA LYS F 31 -17.10 11.71 4.28
C LYS F 31 -17.50 12.78 5.28
N ARG F 32 -18.81 13.00 5.41
CA ARG F 32 -19.34 13.99 6.32
C ARG F 32 -18.94 13.64 7.75
N GLN F 33 -19.07 12.38 8.12
CA GLN F 33 -18.70 11.93 9.46
C GLN F 33 -17.19 12.04 9.69
N GLU F 34 -16.38 11.82 8.66
CA GLU F 34 -14.94 11.92 8.81
C GLU F 34 -14.56 13.37 9.07
N ALA F 35 -15.40 14.28 8.60
CA ALA F 35 -15.16 15.71 8.81
C ALA F 35 -15.62 16.10 10.21
N VAL F 36 -16.77 15.56 10.63
CA VAL F 36 -17.31 15.85 11.95
C VAL F 36 -16.35 15.32 13.00
N ALA F 37 -15.82 14.12 12.78
CA ALA F 37 -14.89 13.51 13.73
C ALA F 37 -13.53 14.22 13.68
N GLY F 38 -13.35 15.08 12.69
CA GLY F 38 -12.09 15.79 12.56
C GLY F 38 -10.96 14.98 11.94
N ARG F 39 -11.30 13.79 11.43
CA ARG F 39 -10.31 12.92 10.80
C ARG F 39 -9.90 13.48 9.44
N ILE F 40 -10.88 13.95 8.67
CA ILE F 40 -10.61 14.54 7.37
C ILE F 40 -11.53 15.74 7.22
N PRO F 41 -11.13 16.88 7.79
CA PRO F 41 -11.91 18.12 7.75
C PRO F 41 -12.20 18.69 6.38
N ALA F 42 -11.26 18.58 5.46
CA ALA F 42 -11.43 19.14 4.13
C ALA F 42 -11.11 18.18 3.00
N ILE F 43 -11.67 18.46 1.83
CA ILE F 43 -11.44 17.64 0.64
C ILE F 43 -11.21 18.58 -0.53
N PHE F 44 -10.23 18.25 -1.38
CA PHE F 44 -9.96 19.03 -2.58
C PHE F 44 -10.64 18.36 -3.76
N SER F 45 -11.03 19.14 -4.76
CA SER F 45 -11.67 18.60 -5.95
C SER F 45 -10.58 18.53 -7.03
N PRO F 46 -10.88 17.87 -8.16
CA PRO F 46 -9.91 17.77 -9.24
C PRO F 46 -9.73 19.20 -9.80
N ALA F 47 -8.67 19.39 -10.57
CA ALA F 47 -8.40 20.70 -11.17
C ALA F 47 -9.22 20.93 -12.43
N PHE F 48 -9.45 22.19 -12.76
CA PHE F 48 -10.16 22.57 -13.96
C PHE F 48 -9.55 23.89 -14.40
N TYR F 49 -9.83 24.32 -15.63
CA TYR F 49 -9.22 25.54 -16.17
C TYR F 49 -10.19 26.53 -16.83
N THR F 50 -9.74 27.77 -17.01
CA THR F 50 -10.56 28.81 -17.65
C THR F 50 -10.55 28.65 -19.17
N SER F 51 -9.51 28.01 -19.70
CA SER F 51 -9.35 27.79 -21.14
C SER F 51 -8.28 26.72 -21.31
N ARG F 52 -8.11 26.22 -22.53
CA ARG F 52 -7.14 25.17 -22.79
C ARG F 52 -5.78 25.47 -22.16
N TYR F 53 -5.37 26.74 -22.14
CA TYR F 53 -4.10 27.11 -21.53
C TYR F 53 -4.29 28.25 -20.52
N GLY F 54 -5.41 28.21 -19.80
CA GLY F 54 -5.72 29.23 -18.83
C GLY F 54 -5.29 28.91 -17.41
N TYR F 55 -5.88 29.60 -16.44
CA TYR F 55 -5.54 29.38 -15.03
C TYR F 55 -5.98 27.99 -14.59
N LYS F 56 -5.20 27.41 -13.69
CA LYS F 56 -5.49 26.10 -13.15
C LYS F 56 -6.14 26.38 -11.80
N MET F 57 -7.27 25.72 -11.52
CA MET F 57 -8.01 25.96 -10.28
C MET F 57 -8.64 24.67 -9.72
N CYS F 58 -9.04 24.71 -8.46
CA CYS F 58 -9.73 23.57 -7.84
C CYS F 58 -10.59 24.13 -6.71
N LEU F 59 -11.40 23.26 -6.12
CA LEU F 59 -12.27 23.66 -5.02
C LEU F 59 -11.84 22.90 -3.76
N ARG F 60 -12.15 23.47 -2.60
CA ARG F 60 -11.83 22.83 -1.33
C ARG F 60 -13.07 23.00 -0.48
N ILE F 61 -13.58 21.89 0.05
CA ILE F 61 -14.79 21.96 0.86
C ILE F 61 -14.60 21.35 2.25
N TYR F 62 -15.32 21.91 3.23
CA TYR F 62 -15.30 21.42 4.60
C TYR F 62 -16.72 20.94 4.88
N LEU F 63 -16.93 19.63 4.88
CA LEU F 63 -18.26 19.09 5.11
C LEU F 63 -18.80 19.40 6.51
N ASN F 64 -17.95 19.86 7.41
CA ASN F 64 -18.46 20.22 8.72
C ASN F 64 -18.01 21.63 9.10
N GLY F 65 -17.68 22.42 8.08
CA GLY F 65 -17.29 23.81 8.28
C GLY F 65 -15.87 24.16 8.67
N ASP F 66 -15.51 25.41 8.41
CA ASP F 66 -14.20 25.95 8.73
C ASP F 66 -14.36 27.42 9.11
N GLY F 67 -13.49 27.89 10.00
CA GLY F 67 -13.55 29.27 10.43
C GLY F 67 -14.87 29.60 11.09
N THR F 68 -15.52 30.65 10.61
CA THR F 68 -16.80 31.08 11.16
C THR F 68 -17.93 30.06 10.95
N GLY F 69 -17.69 29.08 10.09
CA GLY F 69 -18.71 28.08 9.83
C GLY F 69 -18.46 26.71 10.43
N ARG F 70 -17.32 26.54 11.09
CA ARG F 70 -16.98 25.26 11.69
C ARG F 70 -18.11 24.71 12.56
N GLY F 71 -18.50 23.47 12.27
CA GLY F 71 -19.54 22.81 13.04
C GLY F 71 -20.98 23.17 12.73
N THR F 72 -21.20 24.26 11.99
CA THR F 72 -22.55 24.70 11.66
C THR F 72 -22.86 24.82 10.17
N HIS F 73 -21.81 24.98 9.37
CA HIS F 73 -22.00 25.16 7.93
C HIS F 73 -21.08 24.32 7.08
N LEU F 74 -21.45 24.22 5.83
CA LEU F 74 -20.64 23.52 4.87
C LEU F 74 -19.85 24.73 4.35
N SER F 75 -18.52 24.63 4.34
CA SER F 75 -17.66 25.72 3.87
C SER F 75 -17.04 25.34 2.54
N LEU F 76 -17.25 26.19 1.54
CA LEU F 76 -16.75 25.93 0.19
C LEU F 76 -15.77 27.03 -0.23
N PHE F 77 -14.59 26.62 -0.68
CA PHE F 77 -13.60 27.59 -1.11
C PHE F 77 -13.06 27.38 -2.52
N PHE F 78 -12.52 28.45 -3.08
CA PHE F 78 -11.95 28.47 -4.41
C PHE F 78 -10.42 28.51 -4.27
N VAL F 79 -9.72 27.77 -5.12
CA VAL F 79 -8.26 27.73 -5.06
C VAL F 79 -7.54 27.98 -6.38
N VAL F 80 -6.60 28.93 -6.37
CA VAL F 80 -5.83 29.18 -7.57
C VAL F 80 -4.61 28.28 -7.42
N MET F 81 -4.38 27.43 -8.42
CA MET F 81 -3.26 26.50 -8.37
C MET F 81 -2.12 26.94 -9.29
N LYS F 82 -0.91 26.45 -9.03
CA LYS F 82 0.19 26.80 -9.93
C LYS F 82 -0.10 26.06 -11.23
N GLY F 83 -0.31 26.81 -12.31
CA GLY F 83 -0.62 26.19 -13.58
C GLY F 83 0.57 26.16 -14.52
N PRO F 84 0.58 25.21 -15.47
CA PRO F 84 1.68 25.06 -16.43
C PRO F 84 1.92 26.28 -17.31
N ASN F 85 0.91 27.12 -17.46
CA ASN F 85 1.03 28.30 -18.32
C ASN F 85 0.91 29.63 -17.59
N ASP F 86 1.12 29.65 -16.28
CA ASP F 86 0.99 30.89 -15.52
C ASP F 86 1.81 32.07 -16.08
N ALA F 87 3.00 31.78 -16.59
CA ALA F 87 3.86 32.82 -17.16
C ALA F 87 3.17 33.63 -18.25
N LEU F 88 2.17 33.04 -18.90
CA LEU F 88 1.45 33.70 -19.99
C LEU F 88 0.16 34.38 -19.57
N LEU F 89 -0.24 34.19 -18.33
CA LEU F 89 -1.49 34.76 -17.84
C LEU F 89 -1.31 36.05 -17.07
N ARG F 90 -2.36 36.84 -17.00
CA ARG F 90 -2.30 38.09 -16.26
C ARG F 90 -2.51 37.83 -14.77
N TRP F 91 -1.76 38.54 -13.94
CA TRP F 91 -1.86 38.42 -12.50
C TRP F 91 -1.97 39.80 -11.88
N PRO F 92 -2.69 39.91 -10.76
CA PRO F 92 -3.41 38.84 -10.05
C PRO F 92 -4.66 38.31 -10.76
N PHE F 93 -5.09 37.12 -10.35
CA PHE F 93 -6.29 36.47 -10.88
C PHE F 93 -7.44 37.43 -10.56
N ASN F 94 -8.25 37.76 -11.56
CA ASN F 94 -9.31 38.72 -11.32
C ASN F 94 -10.67 38.36 -11.94
N GLN F 95 -10.96 37.07 -12.08
CA GLN F 95 -12.24 36.64 -12.65
C GLN F 95 -13.30 36.41 -11.57
N LYS F 96 -14.53 36.83 -11.86
CA LYS F 96 -15.64 36.63 -10.94
C LYS F 96 -15.84 35.12 -10.83
N VAL F 97 -16.16 34.66 -9.62
CA VAL F 97 -16.37 33.25 -9.36
C VAL F 97 -17.72 32.99 -8.73
N THR F 98 -18.46 32.03 -9.28
CA THR F 98 -19.78 31.65 -8.78
C THR F 98 -19.72 30.21 -8.27
N LEU F 99 -20.22 30.00 -7.04
CA LEU F 99 -20.23 28.68 -6.42
C LEU F 99 -21.66 28.26 -6.10
N MET F 100 -21.96 26.98 -6.29
CA MET F 100 -23.31 26.48 -6.06
C MET F 100 -23.36 25.08 -5.46
N LEU F 101 -24.39 24.82 -4.66
CA LEU F 101 -24.66 23.50 -4.11
C LEU F 101 -25.94 23.22 -4.89
N LEU F 102 -25.95 22.18 -5.69
CA LEU F 102 -27.11 21.92 -6.54
C LEU F 102 -28.23 21.11 -5.93
N ASP F 103 -29.45 21.62 -6.10
CA ASP F 103 -30.62 20.91 -5.60
C ASP F 103 -30.88 19.82 -6.60
N GLN F 104 -31.15 18.62 -6.13
CA GLN F 104 -31.40 17.53 -7.06
C GLN F 104 -32.89 17.38 -7.40
N ASN F 105 -33.58 18.52 -7.34
CA ASN F 105 -35.00 18.68 -7.69
C ASN F 105 -35.08 20.06 -8.36
N ASN F 106 -33.91 20.66 -8.53
CA ASN F 106 -33.74 21.98 -9.15
C ASN F 106 -34.78 22.98 -8.66
N ARG F 107 -35.24 22.81 -7.42
CA ARG F 107 -36.23 23.71 -6.85
C ARG F 107 -35.54 25.01 -6.44
N GLU F 108 -34.36 24.90 -5.87
CA GLU F 108 -33.61 26.07 -5.44
C GLU F 108 -32.18 25.71 -5.06
N HIS F 109 -31.25 26.09 -5.91
CA HIS F 109 -29.84 25.81 -5.65
C HIS F 109 -29.31 26.84 -4.66
N VAL F 110 -28.28 26.46 -3.92
CA VAL F 110 -27.64 27.38 -3.00
C VAL F 110 -26.57 28.04 -3.87
N ILE F 111 -26.57 29.36 -3.93
CA ILE F 111 -25.60 30.05 -4.76
C ILE F 111 -25.01 31.28 -4.12
N ASP F 112 -23.77 31.56 -4.48
CA ASP F 112 -23.08 32.74 -3.97
C ASP F 112 -22.02 33.06 -5.01
N ALA F 113 -21.55 34.29 -5.01
CA ALA F 113 -20.52 34.72 -5.95
C ALA F 113 -19.61 35.74 -5.31
N PHE F 114 -18.41 35.88 -5.85
CA PHE F 114 -17.48 36.87 -5.32
C PHE F 114 -16.50 37.32 -6.38
N ARG F 115 -16.02 38.54 -6.19
CA ARG F 115 -15.02 39.13 -7.07
C ARG F 115 -13.74 39.01 -6.26
N PRO F 116 -12.68 38.47 -6.86
CA PRO F 116 -11.41 38.32 -6.15
C PRO F 116 -10.84 39.63 -5.61
N ASP F 117 -10.33 39.59 -4.37
CA ASP F 117 -9.73 40.78 -3.78
C ASP F 117 -8.32 40.79 -4.35
N VAL F 118 -8.09 41.68 -5.31
CA VAL F 118 -6.79 41.79 -5.97
C VAL F 118 -5.58 41.97 -5.05
N THR F 119 -5.80 42.40 -3.81
CA THR F 119 -4.70 42.61 -2.89
C THR F 119 -4.41 41.38 -2.05
N SER F 120 -5.25 40.35 -2.20
CA SER F 120 -5.07 39.11 -1.44
C SER F 120 -4.05 38.17 -2.05
N SER F 121 -3.30 37.48 -1.18
CA SER F 121 -2.28 36.55 -1.64
C SER F 121 -2.94 35.38 -2.38
N SER F 122 -4.21 35.14 -2.08
CA SER F 122 -4.97 34.05 -2.71
C SER F 122 -5.04 34.16 -4.23
N PHE F 123 -4.89 35.38 -4.74
CA PHE F 123 -4.99 35.61 -6.18
C PHE F 123 -3.73 36.09 -6.88
N GLN F 124 -2.57 35.97 -6.22
CA GLN F 124 -1.33 36.38 -6.85
C GLN F 124 -0.83 35.19 -7.64
N ARG F 125 0.15 35.40 -8.52
CA ARG F 125 0.69 34.28 -9.28
C ARG F 125 1.27 33.27 -8.28
N PRO F 126 0.84 32.01 -8.37
CA PRO F 126 1.30 30.94 -7.47
C PRO F 126 2.82 30.71 -7.42
N VAL F 127 3.35 30.67 -6.20
CA VAL F 127 4.76 30.40 -5.97
C VAL F 127 4.86 28.93 -5.53
N ASN F 128 3.83 28.48 -4.80
CA ASN F 128 3.78 27.11 -4.32
C ASN F 128 2.77 26.35 -5.17
N ASP F 129 2.48 25.10 -4.83
CA ASP F 129 1.53 24.29 -5.60
C ASP F 129 0.15 24.94 -5.68
N MET F 130 -0.30 25.56 -4.61
CA MET F 130 -1.60 26.22 -4.57
C MET F 130 -1.50 27.43 -3.66
N ASN F 131 -2.34 28.43 -3.91
CA ASN F 131 -2.38 29.61 -3.06
C ASN F 131 -3.36 29.29 -1.95
N ILE F 132 -3.46 30.19 -0.98
CA ILE F 132 -4.39 30.01 0.12
C ILE F 132 -5.82 30.11 -0.43
N ALA F 133 -6.67 29.17 -0.06
CA ALA F 133 -8.04 29.14 -0.54
C ALA F 133 -8.80 30.38 -0.11
N SER F 134 -9.85 30.70 -0.85
CA SER F 134 -10.68 31.88 -0.60
C SER F 134 -12.09 31.54 -1.02
N GLY F 135 -13.09 31.97 -0.23
CA GLY F 135 -14.45 31.65 -0.62
C GLY F 135 -15.58 31.94 0.36
N CYS F 136 -16.33 30.89 0.69
CA CYS F 136 -17.50 31.04 1.56
C CYS F 136 -17.50 30.15 2.79
N PRO F 137 -17.12 30.69 3.96
CA PRO F 137 -17.07 29.93 5.21
C PRO F 137 -18.47 29.48 5.64
N LEU F 138 -19.48 30.26 5.26
CA LEU F 138 -20.87 30.00 5.62
C LEU F 138 -21.70 29.75 4.37
N PHE F 139 -21.21 28.89 3.49
CA PHE F 139 -21.88 28.62 2.24
C PHE F 139 -23.26 27.98 2.39
N CYS F 140 -23.38 26.99 3.26
CA CYS F 140 -24.67 26.34 3.43
C CYS F 140 -24.80 25.68 4.81
N PRO F 141 -25.83 26.05 5.57
CA PRO F 141 -26.00 25.45 6.89
C PRO F 141 -26.12 23.93 6.77
N VAL F 142 -25.48 23.22 7.67
CA VAL F 142 -25.48 21.77 7.69
C VAL F 142 -26.88 21.16 7.68
N SER F 143 -27.86 21.91 8.19
CA SER F 143 -29.23 21.40 8.23
C SER F 143 -29.94 21.55 6.89
N LYS F 144 -29.77 22.71 6.24
CA LYS F 144 -30.42 23.00 4.97
C LYS F 144 -30.23 21.86 4.00
N MET F 145 -29.03 21.31 3.96
CA MET F 145 -28.78 20.18 3.09
C MET F 145 -28.55 19.01 4.02
N GLU F 146 -27.56 18.18 3.74
CA GLU F 146 -27.28 17.04 4.62
C GLU F 146 -28.57 16.39 5.13
N ALA F 147 -29.07 16.91 6.26
CA ALA F 147 -30.29 16.44 6.91
C ALA F 147 -31.18 15.65 5.98
N LYS F 148 -31.52 16.27 4.86
CA LYS F 148 -32.36 15.64 3.87
C LYS F 148 -32.54 16.63 2.73
N ASN F 149 -33.71 17.25 2.68
CA ASN F 149 -34.02 18.19 1.61
C ASN F 149 -33.64 17.44 0.34
N SER F 150 -33.41 18.14 -0.75
CA SER F 150 -33.04 17.45 -1.99
C SER F 150 -31.65 17.77 -2.50
N TYR F 151 -30.77 18.20 -1.59
CA TYR F 151 -29.37 18.50 -1.94
C TYR F 151 -28.59 17.21 -1.88
N VAL F 152 -28.94 16.35 -0.94
CA VAL F 152 -28.29 15.06 -0.82
C VAL F 152 -29.26 13.99 -1.33
N ARG F 153 -28.84 13.24 -2.34
CA ARG F 153 -29.69 12.19 -2.88
C ARG F 153 -28.80 10.99 -3.20
N ASP F 154 -29.27 9.81 -2.84
CA ASP F 154 -28.51 8.58 -3.05
C ASP F 154 -27.11 8.76 -2.49
N ASP F 155 -27.05 9.45 -1.35
CA ASP F 155 -25.82 9.71 -0.62
C ASP F 155 -24.75 10.45 -1.43
N ALA F 156 -25.18 11.42 -2.23
CA ALA F 156 -24.26 12.20 -3.03
C ALA F 156 -24.75 13.63 -3.22
N ILE F 157 -23.82 14.55 -3.39
CA ILE F 157 -24.16 15.96 -3.60
C ILE F 157 -23.36 16.45 -4.80
N PHE F 158 -23.81 17.53 -5.39
CA PHE F 158 -23.14 18.10 -6.54
C PHE F 158 -22.80 19.56 -6.26
N ILE F 159 -21.53 19.89 -6.40
CA ILE F 159 -21.03 21.24 -6.20
C ILE F 159 -20.72 21.78 -7.59
N LYS F 160 -21.10 23.03 -7.85
CA LYS F 160 -20.80 23.63 -9.15
C LYS F 160 -20.07 24.96 -9.04
N ALA F 161 -19.09 25.16 -9.92
CA ALA F 161 -18.32 26.38 -9.96
C ALA F 161 -18.33 26.95 -11.38
N ILE F 162 -18.50 28.26 -11.48
CA ILE F 162 -18.53 28.94 -12.77
C ILE F 162 -17.61 30.14 -12.66
N VAL F 163 -16.47 30.08 -13.36
CA VAL F 163 -15.53 31.16 -13.36
C VAL F 163 -15.78 32.02 -14.59
N ASP F 164 -16.17 33.27 -14.36
CA ASP F 164 -16.46 34.19 -15.45
C ASP F 164 -15.23 34.39 -16.33
N LEU F 165 -15.42 34.31 -17.64
CA LEU F 165 -14.32 34.43 -18.59
C LEU F 165 -14.14 35.80 -19.22
N THR F 166 -14.81 36.82 -18.69
CA THR F 166 -14.68 38.16 -19.23
C THR F 166 -13.22 38.59 -19.28
N GLY F 167 -12.76 38.93 -20.47
CA GLY F 167 -11.38 39.39 -20.63
C GLY F 167 -10.41 38.28 -20.99
N LEU F 168 -10.91 37.06 -21.09
CA LEU F 168 -10.07 35.92 -21.43
C LEU F 168 -10.57 35.34 -22.75
#